data_9FHB
#
_entry.id   9FHB
#
_cell.length_a   1.00
_cell.length_b   1.00
_cell.length_c   1.00
_cell.angle_alpha   90.00
_cell.angle_beta   90.00
_cell.angle_gamma   90.00
#
_symmetry.space_group_name_H-M   'P 1'
#
loop_
_entity.id
_entity.type
_entity.pdbx_description
1 polymer 'Hemoglobin subunit alpha'
2 polymer 'Hemoglobin subunit beta'
3 polymer Haptoglobin
4 polymer 'Scavenger receptor cysteine-rich type 1 protein M130'
5 non-polymer 'PROTOPORPHYRIN IX CONTAINING FE'
6 non-polymer 2-acetamido-2-deoxy-beta-D-glucopyranose
7 non-polymer 'CALCIUM ION'
#
loop_
_entity_poly.entity_id
_entity_poly.type
_entity_poly.pdbx_seq_one_letter_code
_entity_poly.pdbx_strand_id
1 'polypeptide(L)'
;MVLSPADKTNVKAAWGKVGAHAGEYGAEALERMFLSFPTTKTYFPHFDLSHGSAQVKGHGKKVADALTNAVAHVDDMPNA
LSALSDLHAHKLRVDPVNFKLLSHCLLVTLAAHLPAEFTPAVHASLDKFLASVSTVLTSKYR
;
A
2 'polypeptide(L)'
;MVHLTPEEKSAVTALWGKVNVDEVGGEALGRLLVVYPWTQRFFESFGDLSTPDAVMGNPKVKAHGKKVLGAFSDGLAHLD
NLKGTFATLSELHCDKLHVDPENFRLLGNVLVCVLAHHFGKEFTPPVQAAYQKVVAGVANALAHKYH
;
B
3 'polypeptide(L)'
;MSALGAVIALLLWGQLFAVDSGNDVTDIADDGCPKPPEIAHGYVEHSVRYQCKNYYKLRTEGDGVYTLNDKKQWINKAVG
DKLPECEADDGCPKPPEIAHGYVEHSVRYQCKNYYKLRTEGDGVYTLNNEKQWINKAVGDKLPECEAVCGKPKNPANPVQ
RILGGHLDAKGSFPWQAKMVSHHNLTTGATLINEQWLLTTAKNLFLNHSENATAKDIAPTLTLYVGKKQLVEIEKVVLHP
NYSQVDIGLIKLKQKVSVNERVMPICLPSKDYAEVGRVGYVSGWGRNANFKFTDHLKYVMLPVADQDQCIRHYEGSTVPE
KKTPKSPVGVQPILNEHTFCAGMSKYQEDTCYGDAGSAFAVHDLEEDTWYATGILSFDKSCAVAEYGVYVKVTSIQDWVQ
KTIAEN
;
C
4 'polypeptide(L)'
;MSKLRMVLLEDSGSADFRRHFVNLSPFTITVVLLLSACFVTSSLGGTDKELRLVDGENKCSGRVEVKVQEEWGTVCNNGW
SMEAVSVICNQLGCPTAIKAPGWANSSAGSGRIWMDHVSCRGNESALWDCKHDGWGKHSNCTHQQDAGVTCSDGSNLEMR
LTRGGNMCSGRIEIKFQGRWGTVCDDNFNIDHASVICRQLECGSAVSFSGSSNFGEGSGPIWFDDLICNGNESALWNCKH
QGWGKHNCDHAEDAGVICSKGADLSLRLVDGVTECSGRLEVRFQGEWGTICDDGWDSYDAAVACKQLGCPTAVTAIGRVN
ASKGFGHIWLDSVSCQGHEPAIWQCKHHEWGKHYCNHNEDAGVTCSDGSDLELRLRGGGSRCAGTVEVEIQRLLGKVCDR
GWGLKEADVVCRQLGCGSALKTSYQVYSKIQATNTWLFLSSCNGNETSLWDCKNWQWGGLTCDHYEEAKITCSAHREPRL
VGGDIPCSGRVEVKHGDTWGSICDSDFSLEAASVLCRELQCGTVVSILGGAHFGEGNGQIWAEEFQCEGHESHLSLCPVA
PRPEGTCSHSRDVGVVCSRYTEIRLVNGKTPCEGRVELKTLGAWGSLCNSHWDIEDAHVLCQQLKCGVALSTPGGARFGK
GNGQIWRHMFHCTGTEQHMGDCPVTALGASLCPSEQVASVICSGNQSQTLSSCNSSSLGPTRPTIPEESAVACIESGQLR
LVNGGGRCAGRVEIYHEGSWGTICDDSWDLSDAHVVCRQLGCGEAINATGSAHFGEGTGPIWLDEMKCNGKESRIWQCHS
HGWGQQNCRHKEDAGVICSEFMSLRLTSEASREACAGRLEVFYNGAWGTVGKSSMSETTVGVVCRQLGCADKGKINPASL
DKAMSIPMWVDNVQCPKGPDTLWQCPSSPWEKRLASPSEETWITCDNKIRLQEGPTSCSGRVEIWHGGSWGTVCDDSWDL
DDAQVVCQQLGCGPALKAFKEAEFGQGTGPIWLNEVKCKGNESSLWDCPARRWGHSECGHKEDAAVNCTDISVQKTPQKA
TTGRSSRQSSFIAVGILGVVLLAIFVALFFLTKKRRQRQRLAVSSRGENLVHQIQYREMNSCLNADDLDLMNSSENSHES
ADFSAAELISVSKFLPISGMEKEAILSHTEKENGNL
;
D
#
# COMPACT_ATOMS: atom_id res chain seq x y z
N VAL A 2 -4.17 5.69 0.39
CA VAL A 2 -4.80 4.60 -0.36
C VAL A 2 -4.55 3.27 0.33
N LEU A 3 -4.07 2.29 -0.43
CA LEU A 3 -3.78 0.94 0.06
C LEU A 3 -5.05 0.31 0.66
N SER A 4 -5.98 0.04 -0.25
CA SER A 4 -7.22 -0.64 0.12
C SER A 4 -7.00 -2.14 0.22
N PRO A 5 -7.94 -2.87 0.84
CA PRO A 5 -7.84 -4.34 0.85
C PRO A 5 -7.69 -4.98 -0.53
N ALA A 6 -8.44 -4.52 -1.52
CA ALA A 6 -8.29 -5.10 -2.86
C ALA A 6 -6.90 -4.83 -3.43
N ASP A 7 -6.38 -3.62 -3.20
CA ASP A 7 -5.02 -3.34 -3.62
C ASP A 7 -4.01 -4.26 -2.94
N LYS A 8 -4.16 -4.46 -1.62
CA LYS A 8 -3.27 -5.36 -0.89
C LYS A 8 -3.34 -6.81 -1.38
N THR A 9 -4.54 -7.35 -1.58
CA THR A 9 -4.64 -8.68 -2.16
C THR A 9 -3.92 -8.77 -3.49
N ASN A 10 -4.19 -7.83 -4.40
CA ASN A 10 -3.59 -7.93 -5.74
C ASN A 10 -2.06 -7.83 -5.69
N VAL A 11 -1.51 -6.87 -4.93
CA VAL A 11 -0.06 -6.76 -4.86
C VAL A 11 0.56 -8.03 -4.26
N LYS A 12 -0.07 -8.59 -3.23
CA LYS A 12 0.42 -9.86 -2.68
C LYS A 12 0.36 -10.99 -3.70
N ALA A 13 -0.72 -11.06 -4.48
CA ALA A 13 -0.78 -12.08 -5.53
C ALA A 13 0.36 -11.93 -6.52
N ALA A 14 0.66 -10.69 -6.92
CA ALA A 14 1.68 -10.53 -7.95
C ALA A 14 3.05 -10.85 -7.39
N TRP A 15 3.37 -10.31 -6.21
CA TRP A 15 4.65 -10.60 -5.56
C TRP A 15 4.85 -12.10 -5.40
N GLY A 16 3.82 -12.80 -4.93
CA GLY A 16 3.98 -14.21 -4.63
C GLY A 16 4.13 -15.05 -5.88
N LYS A 17 3.46 -14.66 -6.96
CA LYS A 17 3.69 -15.40 -8.21
C LYS A 17 5.09 -15.14 -8.74
N VAL A 18 5.54 -13.88 -8.68
CA VAL A 18 6.91 -13.55 -9.10
C VAL A 18 7.91 -14.40 -8.33
N GLY A 19 7.68 -14.61 -7.04
CA GLY A 19 8.55 -15.48 -6.27
C GLY A 19 10.02 -15.13 -6.34
N ALA A 20 10.86 -16.17 -6.43
CA ALA A 20 12.32 -16.03 -6.34
C ALA A 20 12.97 -15.40 -7.57
N HIS A 21 12.21 -14.98 -8.58
CA HIS A 21 12.81 -14.19 -9.65
C HIS A 21 12.97 -12.73 -9.25
N ALA A 22 12.48 -12.39 -8.05
CA ALA A 22 12.42 -11.01 -7.59
C ALA A 22 13.78 -10.33 -7.68
N GLY A 23 14.84 -11.02 -7.25
CA GLY A 23 16.16 -10.41 -7.28
C GLY A 23 16.62 -10.11 -8.70
N GLU A 24 16.33 -11.01 -9.64
CA GLU A 24 16.66 -10.73 -11.03
C GLU A 24 15.91 -9.50 -11.53
N TYR A 25 14.61 -9.38 -11.21
CA TYR A 25 13.90 -8.19 -11.68
C TYR A 25 14.41 -6.92 -10.98
N GLY A 26 14.78 -7.02 -9.71
CA GLY A 26 15.37 -5.87 -9.04
C GLY A 26 16.65 -5.41 -9.71
N ALA A 27 17.52 -6.36 -10.06
CA ALA A 27 18.78 -6.00 -10.72
C ALA A 27 18.53 -5.39 -12.09
N GLU A 28 17.59 -5.96 -12.85
CA GLU A 28 17.25 -5.37 -14.15
C GLU A 28 16.68 -3.97 -13.99
N ALA A 29 15.83 -3.76 -12.97
CA ALA A 29 15.30 -2.42 -12.74
C ALA A 29 16.40 -1.44 -12.38
N LEU A 30 17.36 -1.87 -11.56
CA LEU A 30 18.48 -0.99 -11.24
C LEU A 30 19.28 -0.63 -12.48
N GLU A 31 19.60 -1.62 -13.32
CA GLU A 31 20.36 -1.31 -14.53
C GLU A 31 19.59 -0.36 -15.42
N ARG A 32 18.28 -0.59 -15.59
CA ARG A 32 17.46 0.33 -16.38
C ARG A 32 17.53 1.73 -15.82
N MET A 33 17.49 1.85 -14.49
CA MET A 33 17.53 3.17 -13.87
C MET A 33 18.88 3.83 -14.11
N PHE A 34 19.97 3.09 -13.95
CA PHE A 34 21.30 3.69 -14.10
C PHE A 34 21.50 4.18 -15.54
N LEU A 35 21.02 3.43 -16.52
CA LEU A 35 21.20 3.87 -17.90
C LEU A 35 20.25 5.00 -18.28
N SER A 36 18.99 4.95 -17.83
CA SER A 36 18.02 5.96 -18.25
C SER A 36 18.16 7.28 -17.50
N PHE A 37 18.58 7.28 -16.24
CA PHE A 37 18.60 8.49 -15.39
C PHE A 37 19.98 8.60 -14.77
N PRO A 38 20.98 9.00 -15.56
CA PRO A 38 22.37 8.94 -15.09
C PRO A 38 22.70 9.79 -13.87
N THR A 39 21.90 10.81 -13.55
CA THR A 39 22.12 11.56 -12.31
C THR A 39 22.10 10.67 -11.07
N THR A 40 21.36 9.56 -11.09
CA THR A 40 21.25 8.69 -9.93
C THR A 40 22.54 7.94 -9.66
N LYS A 41 23.45 7.89 -10.63
CA LYS A 41 24.68 7.11 -10.48
C LYS A 41 25.58 7.65 -9.37
N THR A 42 25.49 8.93 -9.05
CA THR A 42 26.47 9.51 -8.12
C THR A 42 26.31 9.05 -6.69
N TYR A 43 25.23 8.33 -6.35
CA TYR A 43 25.11 7.77 -5.01
C TYR A 43 25.88 6.46 -4.85
N PHE A 44 26.43 5.91 -5.93
CA PHE A 44 27.10 4.61 -5.90
C PHE A 44 28.53 4.71 -6.44
N PRO A 45 29.34 5.65 -5.96
CA PRO A 45 30.66 5.88 -6.59
C PRO A 45 31.59 4.69 -6.48
N HIS A 46 31.47 3.87 -5.45
CA HIS A 46 32.37 2.75 -5.25
C HIS A 46 31.91 1.48 -5.94
N PHE A 47 30.80 1.52 -6.67
CA PHE A 47 30.38 0.41 -7.51
C PHE A 47 30.97 0.57 -8.91
N ASP A 48 31.28 -0.57 -9.54
CA ASP A 48 31.39 -0.58 -10.99
C ASP A 48 29.99 -0.78 -11.58
N LEU A 49 29.54 0.21 -12.33
CA LEU A 49 28.18 0.25 -12.87
C LEU A 49 28.16 -0.15 -14.34
N SER A 50 27.79 -1.40 -14.62
CA SER A 50 27.72 -1.87 -15.99
C SER A 50 26.82 -3.09 -16.04
N HIS A 51 26.29 -3.38 -17.23
CA HIS A 51 25.44 -4.54 -17.42
C HIS A 51 26.17 -5.81 -16.99
N GLY A 52 25.49 -6.63 -16.19
CA GLY A 52 26.05 -7.89 -15.74
C GLY A 52 26.93 -7.81 -14.51
N SER A 53 27.04 -6.64 -13.89
CA SER A 53 27.87 -6.50 -12.71
C SER A 53 27.36 -7.37 -11.57
N ALA A 54 28.24 -8.22 -11.03
CA ALA A 54 27.86 -9.04 -9.89
C ALA A 54 27.43 -8.18 -8.71
N GLN A 55 28.01 -6.98 -8.58
CA GLN A 55 27.68 -6.13 -7.45
C GLN A 55 26.29 -5.55 -7.60
N VAL A 56 25.91 -5.15 -8.81
CA VAL A 56 24.57 -4.67 -9.06
C VAL A 56 23.57 -5.81 -8.91
N LYS A 57 23.91 -7.00 -9.39
CA LYS A 57 23.02 -8.14 -9.21
C LYS A 57 22.76 -8.39 -7.72
N GLY A 58 23.83 -8.39 -6.92
CA GLY A 58 23.67 -8.62 -5.49
C GLY A 58 22.83 -7.54 -4.83
N HIS A 59 23.07 -6.28 -5.20
CA HIS A 59 22.31 -5.22 -4.56
C HIS A 59 20.84 -5.29 -4.96
N GLY A 60 20.57 -5.63 -6.22
CA GLY A 60 19.18 -5.78 -6.64
C GLY A 60 18.51 -6.94 -5.94
N LYS A 61 19.26 -8.00 -5.64
CA LYS A 61 18.70 -9.09 -4.87
C LYS A 61 18.39 -8.64 -3.45
N LYS A 62 19.24 -7.81 -2.87
CA LYS A 62 18.97 -7.30 -1.53
C LYS A 62 17.70 -6.45 -1.54
N VAL A 63 17.56 -5.60 -2.54
CA VAL A 63 16.40 -4.70 -2.61
C VAL A 63 15.13 -5.53 -2.77
N ALA A 64 15.16 -6.52 -3.68
CA ALA A 64 14.02 -7.40 -3.87
C ALA A 64 13.65 -8.12 -2.58
N ASP A 65 14.65 -8.66 -1.87
CA ASP A 65 14.36 -9.34 -0.61
C ASP A 65 13.70 -8.38 0.39
N ALA A 66 14.15 -7.13 0.43
CA ALA A 66 13.52 -6.15 1.30
C ALA A 66 12.07 -5.89 0.90
N LEU A 67 11.81 -5.83 -0.41
CA LEU A 67 10.44 -5.63 -0.88
C LEU A 67 9.56 -6.82 -0.54
N THR A 68 10.10 -8.04 -0.66
CA THR A 68 9.30 -9.21 -0.30
C THR A 68 9.04 -9.25 1.20
N ASN A 69 10.00 -8.79 2.01
CA ASN A 69 9.73 -8.65 3.44
C ASN A 69 8.60 -7.66 3.69
N ALA A 70 8.62 -6.54 2.96
CA ALA A 70 7.59 -5.52 3.13
C ALA A 70 6.21 -6.05 2.74
N VAL A 71 6.14 -6.78 1.62
CA VAL A 71 4.86 -7.38 1.24
C VAL A 71 4.44 -8.42 2.26
N ALA A 72 5.39 -9.15 2.84
CA ALA A 72 5.04 -10.16 3.84
C ALA A 72 4.54 -9.52 5.13
N HIS A 73 4.85 -8.25 5.35
CA HIS A 73 4.47 -7.53 6.57
C HIS A 73 3.77 -6.23 6.19
N VAL A 74 2.83 -6.32 5.24
CA VAL A 74 2.34 -5.14 4.55
C VAL A 74 1.51 -4.24 5.46
N ASP A 75 0.97 -4.75 6.57
CA ASP A 75 0.23 -3.90 7.48
C ASP A 75 1.04 -3.37 8.65
N ASP A 76 2.35 -3.61 8.70
CA ASP A 76 3.13 -3.10 9.83
C ASP A 76 4.46 -2.62 9.18
N MET A 77 4.30 -2.02 8.01
CA MET A 77 5.40 -1.64 7.16
C MET A 77 6.32 -0.58 7.76
N PRO A 78 5.81 0.44 8.49
CA PRO A 78 6.76 1.37 9.13
C PRO A 78 7.82 0.70 9.98
N ASN A 79 7.45 -0.28 10.81
CA ASN A 79 8.48 -0.95 11.61
C ASN A 79 9.35 -1.83 10.71
N ALA A 80 8.72 -2.56 9.77
CA ALA A 80 9.50 -3.51 8.99
C ALA A 80 10.57 -2.79 8.17
N LEU A 81 10.25 -1.60 7.65
CA LEU A 81 11.19 -0.89 6.81
C LEU A 81 11.91 0.20 7.60
N SER A 82 11.72 0.22 8.92
CA SER A 82 12.27 1.26 9.78
C SER A 82 13.79 1.38 9.65
N ALA A 83 14.49 0.25 9.74
CA ALA A 83 15.95 0.26 9.61
C ALA A 83 16.40 0.77 8.25
N LEU A 84 15.74 0.34 7.18
CA LEU A 84 16.14 0.81 5.87
C LEU A 84 15.82 2.29 5.68
N SER A 85 14.73 2.77 6.28
CA SER A 85 14.42 4.20 6.22
C SER A 85 15.46 5.01 6.97
N ASP A 86 15.89 4.52 8.13
CA ASP A 86 16.95 5.19 8.86
C ASP A 86 18.22 5.24 8.03
N LEU A 87 18.59 4.11 7.43
CA LEU A 87 19.82 4.05 6.65
C LEU A 87 19.75 5.03 5.47
N HIS A 88 18.62 4.99 4.73
CA HIS A 88 18.48 5.77 3.52
C HIS A 88 18.43 7.26 3.80
N ALA A 89 17.78 7.68 4.90
CA ALA A 89 17.75 9.12 5.14
C ALA A 89 19.05 9.59 5.77
N HIS A 90 19.52 8.93 6.82
CA HIS A 90 20.61 9.49 7.61
C HIS A 90 21.98 9.17 7.02
N LYS A 91 22.23 7.92 6.61
CA LYS A 91 23.55 7.61 6.08
C LYS A 91 23.69 7.98 4.61
N LEU A 92 22.72 7.62 3.77
CA LEU A 92 22.96 7.82 2.34
C LEU A 92 22.45 9.18 1.87
N ARG A 93 21.57 9.83 2.62
CA ARG A 93 20.97 11.10 2.24
C ARG A 93 20.44 11.05 0.81
N VAL A 94 19.62 10.04 0.52
CA VAL A 94 19.07 9.88 -0.81
C VAL A 94 17.95 10.91 -1.03
N ASP A 95 18.11 11.73 -2.06
CA ASP A 95 17.06 12.65 -2.46
C ASP A 95 15.78 11.86 -2.71
N PRO A 96 14.64 12.28 -2.17
CA PRO A 96 13.38 11.52 -2.38
C PRO A 96 13.00 11.28 -3.84
N VAL A 97 13.34 12.16 -4.77
CA VAL A 97 12.97 11.94 -6.17
C VAL A 97 13.48 10.59 -6.66
N ASN A 98 14.63 10.15 -6.16
CA ASN A 98 15.21 8.96 -6.75
C ASN A 98 14.38 7.73 -6.42
N PHE A 99 13.63 7.75 -5.32
CA PHE A 99 12.77 6.61 -5.05
C PHE A 99 11.65 6.52 -6.06
N LYS A 100 11.13 7.67 -6.52
CA LYS A 100 10.12 7.66 -7.56
C LYS A 100 10.71 7.12 -8.85
N LEU A 101 11.97 7.46 -9.10
CA LEU A 101 12.61 7.00 -10.32
C LEU A 101 12.82 5.49 -10.29
N LEU A 102 13.36 4.98 -9.18
CA LEU A 102 13.57 3.54 -9.06
C LEU A 102 12.25 2.81 -9.11
N SER A 103 11.21 3.33 -8.45
CA SER A 103 9.93 2.66 -8.44
C SER A 103 9.35 2.56 -9.84
N HIS A 104 9.42 3.66 -10.60
CA HIS A 104 9.00 3.62 -12.00
C HIS A 104 9.77 2.57 -12.79
N CYS A 105 11.09 2.51 -12.61
CA CYS A 105 11.86 1.52 -13.36
C CYS A 105 11.52 0.08 -12.95
N LEU A 106 11.19 -0.14 -11.68
CA LEU A 106 10.73 -1.45 -11.23
C LEU A 106 9.39 -1.80 -11.88
N LEU A 107 8.49 -0.82 -11.95
CA LEU A 107 7.21 -1.06 -12.62
C LEU A 107 7.42 -1.39 -14.09
N VAL A 108 8.29 -0.65 -14.77
CA VAL A 108 8.55 -0.91 -16.17
C VAL A 108 9.11 -2.32 -16.37
N THR A 109 10.04 -2.73 -15.49
CA THR A 109 10.56 -4.10 -15.57
C THR A 109 9.46 -5.13 -15.40
N LEU A 110 8.56 -4.92 -14.45
CA LEU A 110 7.47 -5.87 -14.27
C LEU A 110 6.59 -5.90 -15.50
N ALA A 111 6.26 -4.73 -16.05
CA ALA A 111 5.44 -4.68 -17.24
C ALA A 111 6.10 -5.46 -18.37
N ALA A 112 7.41 -5.28 -18.52
CA ALA A 112 8.13 -5.89 -19.63
C ALA A 112 8.28 -7.40 -19.48
N HIS A 113 8.11 -7.94 -18.27
CA HIS A 113 8.26 -9.39 -18.10
C HIS A 113 7.00 -10.11 -17.66
N LEU A 114 5.91 -9.40 -17.40
CA LEU A 114 4.67 -9.97 -16.88
C LEU A 114 3.53 -9.57 -17.82
N PRO A 115 3.47 -10.18 -19.01
CA PRO A 115 2.41 -9.87 -19.96
C PRO A 115 0.98 -9.94 -19.42
N ALA A 116 0.56 -11.11 -18.94
CA ALA A 116 -0.82 -11.26 -18.47
C ALA A 116 -1.03 -10.55 -17.14
N GLU A 117 -0.06 -10.63 -16.24
CA GLU A 117 -0.22 -10.22 -14.85
C GLU A 117 -0.12 -8.73 -14.65
N PHE A 118 -0.30 -7.93 -15.69
CA PHE A 118 -0.17 -6.48 -15.61
C PHE A 118 -1.45 -5.83 -16.14
N THR A 119 -2.57 -6.19 -15.51
CA THR A 119 -3.84 -5.58 -15.81
C THR A 119 -3.84 -4.19 -15.20
N PRO A 120 -4.78 -3.31 -15.59
CA PRO A 120 -4.84 -1.99 -14.96
C PRO A 120 -4.95 -2.01 -13.45
N ALA A 121 -5.79 -2.87 -12.87
CA ALA A 121 -5.92 -2.91 -11.42
C ALA A 121 -4.63 -3.34 -10.74
N VAL A 122 -3.96 -4.36 -11.27
CA VAL A 122 -2.75 -4.84 -10.64
C VAL A 122 -1.61 -3.83 -10.82
N HIS A 123 -1.53 -3.21 -11.99
CA HIS A 123 -0.62 -2.08 -12.19
C HIS A 123 -0.85 -1.02 -11.11
N ALA A 124 -2.10 -0.62 -10.91
CA ALA A 124 -2.37 0.44 -9.93
C ALA A 124 -1.98 0.00 -8.53
N SER A 125 -2.27 -1.25 -8.18
CA SER A 125 -1.95 -1.73 -6.83
C SER A 125 -0.44 -1.77 -6.62
N LEU A 126 0.31 -2.25 -7.60
CA LEU A 126 1.76 -2.27 -7.46
C LEU A 126 2.35 -0.88 -7.41
N ASP A 127 1.82 0.04 -8.22
CA ASP A 127 2.27 1.44 -8.14
C ASP A 127 2.04 2.01 -6.76
N LYS A 128 0.86 1.78 -6.20
CA LYS A 128 0.56 2.29 -4.86
C LYS A 128 1.46 1.66 -3.80
N PHE A 129 1.71 0.35 -3.92
CA PHE A 129 2.61 -0.33 -2.99
C PHE A 129 4.02 0.26 -3.04
N LEU A 130 4.56 0.44 -4.24
CA LEU A 130 5.91 0.98 -4.36
C LEU A 130 5.96 2.44 -3.94
N ALA A 131 4.89 3.19 -4.18
CA ALA A 131 4.81 4.56 -3.68
C ALA A 131 4.79 4.57 -2.16
N SER A 132 4.16 3.56 -1.56
CA SER A 132 4.10 3.52 -0.10
C SER A 132 5.47 3.19 0.48
N VAL A 133 6.15 2.21 -0.10
CA VAL A 133 7.52 1.92 0.33
C VAL A 133 8.39 3.17 0.21
N SER A 134 8.29 3.89 -0.90
CA SER A 134 9.09 5.11 -1.05
C SER A 134 8.71 6.18 -0.05
N THR A 135 7.41 6.35 0.20
CA THR A 135 6.95 7.29 1.21
C THR A 135 7.51 6.98 2.59
N VAL A 136 7.47 5.72 3.00
CA VAL A 136 8.06 5.36 4.29
C VAL A 136 9.56 5.60 4.30
N LEU A 137 10.24 5.22 3.22
CA LEU A 137 11.69 5.36 3.22
C LEU A 137 12.16 6.80 3.07
N THR A 138 11.26 7.73 2.74
CA THR A 138 11.57 9.15 2.69
C THR A 138 10.88 9.96 3.77
N SER A 139 10.36 9.34 4.82
CA SER A 139 9.64 10.15 5.78
C SER A 139 10.53 10.78 6.84
N LYS A 140 11.80 10.40 6.89
CA LYS A 140 12.72 10.89 7.91
C LYS A 140 13.75 11.82 7.32
N TYR A 141 13.53 12.30 6.09
CA TYR A 141 14.39 13.30 5.50
C TYR A 141 14.38 14.58 6.32
N ARG A 142 15.53 15.25 6.37
CA ARG A 142 15.66 16.47 7.14
C ARG A 142 16.53 17.48 6.39
N VAL B 2 18.73 19.23 -25.79
CA VAL B 2 18.89 17.79 -25.93
C VAL B 2 19.23 17.44 -27.38
N HIS B 3 20.12 16.46 -27.55
CA HIS B 3 20.57 16.03 -28.87
C HIS B 3 20.67 14.52 -28.89
N LEU B 4 19.84 13.87 -29.69
CA LEU B 4 19.92 12.42 -29.85
C LEU B 4 21.01 12.11 -30.85
N THR B 5 21.83 11.10 -30.54
CA THR B 5 22.78 10.61 -31.53
C THR B 5 22.06 9.78 -32.61
N PRO B 6 22.72 9.52 -33.74
CA PRO B 6 22.13 8.60 -34.73
C PRO B 6 21.75 7.20 -34.28
N GLU B 7 22.55 6.51 -33.46
CA GLU B 7 22.08 5.19 -33.04
C GLU B 7 20.84 5.26 -32.16
N GLU B 8 20.73 6.27 -31.31
CA GLU B 8 19.51 6.39 -30.51
C GLU B 8 18.31 6.73 -31.38
N LYS B 9 18.50 7.63 -32.36
CA LYS B 9 17.39 7.97 -33.24
C LYS B 9 16.96 6.74 -34.04
N SER B 10 17.93 5.95 -34.53
CA SER B 10 17.58 4.74 -35.26
C SER B 10 16.80 3.79 -34.36
N ALA B 11 17.26 3.62 -33.11
CA ALA B 11 16.58 2.73 -32.18
C ALA B 11 15.13 3.15 -32.00
N VAL B 12 14.93 4.45 -31.81
CA VAL B 12 13.60 4.97 -31.49
C VAL B 12 12.69 4.79 -32.70
N THR B 13 13.19 5.15 -33.89
CA THR B 13 12.27 5.14 -35.03
C THR B 13 12.03 3.71 -35.47
N ALA B 14 13.03 2.83 -35.29
CA ALA B 14 12.87 1.44 -35.68
C ALA B 14 11.82 0.77 -34.81
N LEU B 15 11.80 1.12 -33.51
CA LEU B 15 10.75 0.58 -32.66
C LEU B 15 9.41 1.21 -32.99
N TRP B 16 9.40 2.52 -33.24
CA TRP B 16 8.14 3.24 -33.45
C TRP B 16 7.43 2.77 -34.70
N GLY B 17 8.18 2.31 -35.70
CA GLY B 17 7.54 1.79 -36.89
C GLY B 17 6.55 0.67 -36.61
N LYS B 18 6.75 -0.04 -35.50
CA LYS B 18 5.91 -1.17 -35.12
C LYS B 18 4.76 -0.81 -34.20
N VAL B 19 4.70 0.42 -33.69
CA VAL B 19 3.66 0.78 -32.74
C VAL B 19 2.32 0.86 -33.46
N ASN B 20 1.27 0.34 -32.81
CA ASN B 20 -0.10 0.47 -33.30
C ASN B 20 -0.66 1.81 -32.81
N VAL B 21 -0.71 2.79 -33.70
CA VAL B 21 -1.03 4.15 -33.27
C VAL B 21 -2.50 4.39 -32.95
N ASP B 22 -3.40 3.45 -33.25
CA ASP B 22 -4.80 3.63 -32.85
C ASP B 22 -5.11 3.13 -31.44
N GLU B 23 -4.25 2.33 -30.84
CA GLU B 23 -4.57 1.70 -29.57
C GLU B 23 -3.68 2.12 -28.41
N VAL B 24 -2.37 2.27 -28.65
CA VAL B 24 -1.44 2.41 -27.55
C VAL B 24 -1.68 3.71 -26.79
N GLY B 25 -2.08 4.78 -27.48
CA GLY B 25 -2.33 6.04 -26.79
C GLY B 25 -3.55 5.98 -25.88
N GLY B 26 -4.62 5.34 -26.35
CA GLY B 26 -5.76 5.08 -25.48
C GLY B 26 -5.41 4.19 -24.30
N GLU B 27 -4.55 3.21 -24.54
CA GLU B 27 -4.10 2.32 -23.47
C GLU B 27 -3.33 3.09 -22.41
N ALA B 28 -2.45 3.99 -22.84
CA ALA B 28 -1.66 4.78 -21.90
C ALA B 28 -2.54 5.79 -21.16
N LEU B 29 -3.47 6.44 -21.86
CA LEU B 29 -4.34 7.41 -21.18
C LEU B 29 -5.21 6.71 -20.14
N GLY B 30 -5.75 5.54 -20.51
CA GLY B 30 -6.55 4.77 -19.56
C GLY B 30 -5.75 4.38 -18.33
N ARG B 31 -4.53 3.87 -18.55
CA ARG B 31 -3.70 3.50 -17.41
C ARG B 31 -3.36 4.71 -16.56
N LEU B 32 -3.13 5.87 -17.19
CA LEU B 32 -2.94 7.11 -16.43
C LEU B 32 -4.13 7.40 -15.54
N LEU B 33 -5.34 7.25 -16.08
CA LEU B 33 -6.54 7.59 -15.32
C LEU B 33 -6.78 6.60 -14.19
N VAL B 34 -6.35 5.36 -14.36
CA VAL B 34 -6.57 4.36 -13.31
C VAL B 34 -5.54 4.49 -12.21
N VAL B 35 -4.27 4.65 -12.58
CA VAL B 35 -3.19 4.64 -11.62
C VAL B 35 -3.06 5.99 -10.88
N TYR B 36 -3.38 7.10 -11.55
CA TYR B 36 -3.27 8.47 -11.04
C TYR B 36 -4.60 9.20 -11.12
N PRO B 37 -5.55 8.85 -10.24
CA PRO B 37 -6.96 9.18 -10.47
C PRO B 37 -7.30 10.67 -10.50
N TRP B 38 -6.47 11.55 -9.94
CA TRP B 38 -6.78 12.98 -10.02
C TRP B 38 -6.90 13.49 -11.44
N THR B 39 -6.27 12.85 -12.41
CA THR B 39 -6.33 13.30 -13.79
C THR B 39 -7.74 13.19 -14.39
N GLN B 40 -8.64 12.44 -13.77
CA GLN B 40 -10.03 12.40 -14.23
C GLN B 40 -10.71 13.76 -14.19
N ARG B 41 -10.17 14.71 -13.43
CA ARG B 41 -10.74 16.06 -13.35
C ARG B 41 -10.87 16.71 -14.72
N PHE B 42 -9.97 16.40 -15.64
CA PHE B 42 -9.92 17.03 -16.95
C PHE B 42 -10.79 16.35 -17.99
N PHE B 43 -11.53 15.30 -17.61
CA PHE B 43 -12.23 14.44 -18.55
C PHE B 43 -13.67 14.25 -18.07
N GLU B 44 -14.22 15.29 -17.46
CA GLU B 44 -15.58 15.27 -16.94
C GLU B 44 -16.60 14.89 -18.00
N SER B 45 -16.39 15.33 -19.24
CA SER B 45 -17.35 15.05 -20.31
C SER B 45 -17.33 13.60 -20.76
N PHE B 46 -16.39 12.81 -20.27
CA PHE B 46 -16.19 11.45 -20.75
C PHE B 46 -17.15 10.49 -20.06
N GLY B 47 -17.91 10.99 -19.10
CA GLY B 47 -18.95 10.20 -18.44
C GLY B 47 -18.38 9.34 -17.35
N ASP B 48 -18.65 8.04 -17.41
CA ASP B 48 -18.35 7.17 -16.27
C ASP B 48 -16.85 6.88 -16.24
N LEU B 49 -16.17 7.43 -15.24
CA LEU B 49 -14.77 7.11 -14.99
C LEU B 49 -14.68 6.53 -13.58
N SER B 50 -15.03 5.25 -13.44
CA SER B 50 -15.28 4.71 -12.12
C SER B 50 -14.64 3.34 -11.87
N THR B 51 -14.37 2.56 -12.91
CA THR B 51 -13.81 1.23 -12.75
C THR B 51 -12.75 1.04 -13.82
N PRO B 52 -11.83 0.08 -13.63
CA PRO B 52 -10.83 -0.16 -14.68
C PRO B 52 -11.42 -0.63 -16.00
N ASP B 53 -12.40 -1.54 -15.96
CA ASP B 53 -13.06 -1.93 -17.20
C ASP B 53 -13.70 -0.75 -17.89
N ALA B 54 -14.31 0.17 -17.12
CA ALA B 54 -15.02 1.26 -17.78
C ALA B 54 -14.06 2.26 -18.42
N VAL B 55 -12.96 2.59 -17.73
CA VAL B 55 -11.99 3.49 -18.33
C VAL B 55 -11.40 2.86 -19.58
N MET B 56 -10.92 1.62 -19.47
CA MET B 56 -10.19 1.04 -20.59
C MET B 56 -11.12 0.78 -21.77
N GLY B 57 -12.40 0.52 -21.50
CA GLY B 57 -13.35 0.30 -22.57
C GLY B 57 -14.05 1.54 -23.07
N ASN B 58 -13.78 2.71 -22.50
CA ASN B 58 -14.49 3.90 -22.96
C ASN B 58 -14.02 4.33 -24.34
N PRO B 59 -14.90 4.35 -25.34
CA PRO B 59 -14.47 4.69 -26.70
C PRO B 59 -13.92 6.11 -26.83
N LYS B 60 -14.40 7.03 -26.00
CA LYS B 60 -13.87 8.39 -26.05
C LYS B 60 -12.46 8.44 -25.47
N VAL B 61 -12.19 7.61 -24.46
CA VAL B 61 -10.84 7.50 -23.93
C VAL B 61 -9.91 6.96 -25.02
N LYS B 62 -10.36 5.92 -25.72
CA LYS B 62 -9.54 5.37 -26.81
C LYS B 62 -9.29 6.40 -27.90
N ALA B 63 -10.32 7.15 -28.29
CA ALA B 63 -10.16 8.14 -29.35
C ALA B 63 -9.22 9.26 -28.94
N HIS B 64 -9.37 9.76 -27.71
CA HIS B 64 -8.49 10.83 -27.27
C HIS B 64 -7.07 10.33 -27.17
N GLY B 65 -6.86 9.11 -26.65
CA GLY B 65 -5.52 8.58 -26.60
C GLY B 65 -4.94 8.41 -27.99
N LYS B 66 -5.79 8.12 -28.99
CA LYS B 66 -5.31 8.02 -30.35
C LYS B 66 -4.78 9.37 -30.83
N LYS B 67 -5.49 10.44 -30.49
CA LYS B 67 -5.00 11.78 -30.80
C LYS B 67 -3.68 12.09 -30.08
N VAL B 68 -3.62 11.80 -28.77
CA VAL B 68 -2.40 12.05 -28.02
C VAL B 68 -1.21 11.34 -28.68
N LEU B 69 -1.38 10.06 -29.01
CA LEU B 69 -0.25 9.36 -29.63
C LEU B 69 0.05 9.93 -31.00
N GLY B 70 -0.97 10.41 -31.73
CA GLY B 70 -0.70 11.09 -32.99
C GLY B 70 0.22 12.28 -32.79
N ALA B 71 0.00 13.03 -31.72
CA ALA B 71 0.90 14.14 -31.38
C ALA B 71 2.29 13.63 -31.01
N PHE B 72 2.36 12.51 -30.28
CA PHE B 72 3.68 11.97 -29.96
C PHE B 72 4.42 11.62 -31.23
N SER B 73 3.74 10.98 -32.18
CA SER B 73 4.37 10.58 -33.44
C SER B 73 4.85 11.81 -34.19
N ASP B 74 4.06 12.89 -34.17
CA ASP B 74 4.48 14.12 -34.83
C ASP B 74 5.73 14.67 -34.17
N GLY B 75 5.82 14.60 -32.84
CA GLY B 75 7.04 15.03 -32.19
C GLY B 75 8.20 14.12 -32.56
N LEU B 76 7.92 12.83 -32.73
CA LEU B 76 8.97 11.86 -33.04
C LEU B 76 9.52 12.07 -34.45
N ALA B 77 8.76 12.74 -35.30
CA ALA B 77 9.16 13.00 -36.68
C ALA B 77 9.90 14.32 -36.83
N HIS B 78 9.98 15.10 -35.75
CA HIS B 78 10.51 16.46 -35.74
C HIS B 78 11.34 16.67 -34.48
N LEU B 79 12.24 15.73 -34.20
CA LEU B 79 13.04 15.75 -32.98
C LEU B 79 13.92 16.98 -32.87
N ASP B 80 14.11 17.73 -33.95
CA ASP B 80 14.92 18.93 -33.90
C ASP B 80 14.11 20.21 -33.77
N ASN B 81 13.03 20.38 -34.53
CA ASN B 81 12.15 21.53 -34.30
C ASN B 81 10.90 21.13 -33.51
N LEU B 82 11.12 20.65 -32.28
CA LEU B 82 9.99 20.19 -31.47
C LEU B 82 9.17 21.36 -30.93
N LYS B 83 9.82 22.51 -30.70
CA LYS B 83 9.15 23.64 -30.07
C LYS B 83 8.04 24.22 -30.95
N GLY B 84 8.33 24.44 -32.23
CA GLY B 84 7.28 24.93 -33.11
C GLY B 84 6.20 23.90 -33.33
N THR B 85 6.59 22.63 -33.45
CA THR B 85 5.60 21.57 -33.63
C THR B 85 4.57 21.58 -32.51
N PHE B 86 5.02 21.81 -31.27
CA PHE B 86 4.15 21.68 -30.11
C PHE B 86 3.63 23.00 -29.57
N ALA B 87 3.86 24.11 -30.28
CA ALA B 87 3.44 25.42 -29.79
C ALA B 87 1.94 25.46 -29.52
N THR B 88 1.14 25.08 -30.52
CA THR B 88 -0.31 25.17 -30.36
C THR B 88 -0.83 24.17 -29.33
N LEU B 89 -0.22 22.99 -29.24
CA LEU B 89 -0.67 22.05 -28.23
C LEU B 89 -0.33 22.54 -26.84
N SER B 90 0.78 23.27 -26.70
CA SER B 90 1.14 23.85 -25.42
C SER B 90 0.16 24.95 -25.04
N GLU B 91 -0.20 25.80 -26.00
CA GLU B 91 -1.23 26.79 -25.76
C GLU B 91 -2.55 26.15 -25.32
N LEU B 92 -2.93 25.05 -25.99
CA LEU B 92 -4.18 24.37 -25.64
C LEU B 92 -4.13 23.83 -24.21
N HIS B 93 -3.08 23.08 -23.88
CA HIS B 93 -3.02 22.40 -22.58
C HIS B 93 -2.77 23.37 -21.44
N CYS B 94 -2.11 24.49 -21.70
CA CYS B 94 -1.70 25.42 -20.65
C CYS B 94 -2.69 26.56 -20.46
N ASP B 95 -2.99 27.32 -21.52
CA ASP B 95 -3.77 28.53 -21.36
C ASP B 95 -5.26 28.24 -21.18
N LYS B 96 -5.80 27.22 -21.84
CA LYS B 96 -7.22 26.93 -21.66
C LYS B 96 -7.52 25.95 -20.53
N LEU B 97 -6.80 24.84 -20.43
CA LEU B 97 -7.12 23.83 -19.42
C LEU B 97 -6.38 24.00 -18.10
N HIS B 98 -5.23 24.68 -18.09
CA HIS B 98 -4.42 24.86 -16.89
C HIS B 98 -4.04 23.52 -16.27
N VAL B 99 -3.70 22.55 -17.12
CA VAL B 99 -3.16 21.28 -16.63
C VAL B 99 -1.74 21.50 -16.12
N ASP B 100 -1.45 20.99 -14.94
CA ASP B 100 -0.11 21.14 -14.40
C ASP B 100 0.88 20.39 -15.27
N PRO B 101 2.03 21.00 -15.58
CA PRO B 101 2.97 20.37 -16.53
C PRO B 101 3.66 19.13 -16.01
N GLU B 102 3.61 18.88 -14.71
CA GLU B 102 4.07 17.60 -14.18
C GLU B 102 3.35 16.43 -14.84
N ASN B 103 2.10 16.63 -15.25
CA ASN B 103 1.36 15.54 -15.88
C ASN B 103 1.86 15.17 -17.26
N PHE B 104 2.56 16.05 -17.99
CA PHE B 104 3.13 15.60 -19.26
C PHE B 104 4.23 14.57 -19.01
N ARG B 105 5.05 14.82 -18.00
CA ARG B 105 6.07 13.86 -17.60
C ARG B 105 5.43 12.58 -17.10
N LEU B 106 4.39 12.74 -16.29
CA LEU B 106 3.70 11.60 -15.71
C LEU B 106 3.09 10.72 -16.81
N LEU B 107 2.45 11.35 -17.80
CA LEU B 107 1.82 10.61 -18.89
C LEU B 107 2.89 9.91 -19.71
N GLY B 108 4.02 10.59 -19.91
CA GLY B 108 5.14 9.98 -20.58
C GLY B 108 5.60 8.70 -19.89
N ASN B 109 5.67 8.73 -18.56
CA ASN B 109 6.14 7.52 -17.89
C ASN B 109 5.10 6.41 -17.98
N VAL B 110 3.81 6.74 -17.96
CA VAL B 110 2.80 5.71 -18.20
C VAL B 110 2.95 5.13 -19.60
N LEU B 111 3.12 5.99 -20.60
CA LEU B 111 3.36 5.55 -21.97
C LEU B 111 4.57 4.61 -22.07
N VAL B 112 5.66 4.97 -21.41
CA VAL B 112 6.81 4.06 -21.39
C VAL B 112 6.44 2.71 -20.81
N CYS B 113 5.69 2.70 -19.71
CA CYS B 113 5.25 1.42 -19.14
C CYS B 113 4.36 0.61 -20.09
N VAL B 114 3.45 1.27 -20.81
CA VAL B 114 2.60 0.53 -21.74
C VAL B 114 3.42 -0.04 -22.89
N LEU B 115 4.36 0.74 -23.42
CA LEU B 115 5.24 0.20 -24.46
C LEU B 115 6.03 -0.99 -23.94
N ALA B 116 6.51 -0.90 -22.69
CA ALA B 116 7.23 -2.04 -22.12
C ALA B 116 6.33 -3.26 -22.06
N HIS B 117 5.07 -3.06 -21.68
CA HIS B 117 4.16 -4.20 -21.54
C HIS B 117 3.84 -4.82 -22.88
N HIS B 118 3.67 -3.99 -23.91
CA HIS B 118 3.31 -4.50 -25.24
C HIS B 118 4.49 -5.13 -25.97
N PHE B 119 5.71 -4.62 -25.78
CA PHE B 119 6.85 -5.09 -26.55
C PHE B 119 7.77 -6.03 -25.79
N GLY B 120 7.61 -6.17 -24.47
CA GLY B 120 8.37 -7.16 -23.72
C GLY B 120 9.87 -6.99 -23.83
N LYS B 121 10.56 -8.11 -24.11
CA LYS B 121 12.02 -8.13 -24.09
C LYS B 121 12.63 -7.18 -25.11
N GLU B 122 11.90 -6.84 -26.17
CA GLU B 122 12.40 -5.92 -27.18
C GLU B 122 12.62 -4.52 -26.61
N PHE B 123 11.94 -4.18 -25.53
CA PHE B 123 12.09 -2.89 -24.86
C PHE B 123 13.29 -2.91 -23.92
N THR B 124 14.48 -2.93 -24.53
CA THR B 124 15.72 -3.16 -23.82
C THR B 124 16.07 -1.89 -23.03
N PRO B 125 17.00 -1.96 -22.07
CA PRO B 125 17.37 -0.75 -21.31
C PRO B 125 17.85 0.41 -22.15
N PRO B 126 18.69 0.22 -23.18
CA PRO B 126 19.02 1.38 -24.03
C PRO B 126 17.83 1.96 -24.77
N VAL B 127 16.90 1.11 -25.23
CA VAL B 127 15.70 1.65 -25.88
C VAL B 127 14.88 2.45 -24.88
N GLN B 128 14.76 1.94 -23.65
CA GLN B 128 14.03 2.69 -22.64
C GLN B 128 14.69 4.04 -22.40
N ALA B 129 16.02 4.05 -22.30
CA ALA B 129 16.72 5.30 -22.03
C ALA B 129 16.46 6.31 -23.14
N ALA B 130 16.47 5.84 -24.38
CA ALA B 130 16.20 6.72 -25.51
C ALA B 130 14.78 7.26 -25.45
N TYR B 131 13.80 6.39 -25.16
CA TYR B 131 12.43 6.87 -25.02
C TYR B 131 12.27 7.84 -23.86
N GLN B 132 13.01 7.64 -22.78
CA GLN B 132 12.95 8.59 -21.66
C GLN B 132 13.49 9.95 -22.08
N LYS B 133 14.58 9.96 -22.87
CA LYS B 133 15.08 11.22 -23.41
C LYS B 133 14.05 11.90 -24.30
N VAL B 134 13.38 11.10 -25.15
CA VAL B 134 12.39 11.66 -26.06
C VAL B 134 11.22 12.25 -25.28
N VAL B 135 10.68 11.49 -24.33
CA VAL B 135 9.50 11.94 -23.64
C VAL B 135 9.82 13.10 -22.71
N ALA B 136 11.03 13.14 -22.14
CA ALA B 136 11.40 14.29 -21.34
C ALA B 136 11.47 15.53 -22.22
N GLY B 137 12.02 15.39 -23.43
CA GLY B 137 12.11 16.55 -24.31
C GLY B 137 10.73 17.04 -24.74
N VAL B 138 9.84 16.10 -25.05
CA VAL B 138 8.47 16.46 -25.43
C VAL B 138 7.74 17.15 -24.28
N ALA B 139 7.83 16.60 -23.06
CA ALA B 139 7.22 17.24 -21.91
C ALA B 139 7.76 18.65 -21.67
N ASN B 140 9.08 18.81 -21.74
CA ASN B 140 9.64 20.14 -21.55
C ASN B 140 9.20 21.10 -22.64
N ALA B 141 9.09 20.62 -23.88
CA ALA B 141 8.61 21.49 -24.94
C ALA B 141 7.15 21.88 -24.71
N LEU B 142 6.32 20.91 -24.33
CA LEU B 142 4.91 21.16 -24.10
C LEU B 142 4.65 22.10 -22.94
N ALA B 143 5.53 22.15 -21.94
CA ALA B 143 5.34 23.04 -20.81
C ALA B 143 5.90 24.44 -21.04
N HIS B 144 6.28 24.76 -22.27
CA HIS B 144 6.98 26.00 -22.55
C HIS B 144 6.16 27.25 -22.22
N LYS B 145 4.83 27.20 -22.45
CA LYS B 145 4.03 28.39 -22.20
C LYS B 145 3.84 28.75 -20.73
N TYR B 146 4.24 27.91 -19.78
CA TYR B 146 4.27 28.36 -18.40
C TYR B 146 5.61 28.97 -18.00
N HIS B 147 6.11 29.88 -18.83
CA HIS B 147 7.46 30.42 -18.67
C HIS B 147 7.54 31.82 -19.28
N VAL C 148 -5.85 45.75 4.11
CA VAL C 148 -7.10 45.01 4.03
C VAL C 148 -6.82 43.52 4.12
N CYS C 149 -7.60 42.78 4.90
CA CYS C 149 -7.37 41.35 5.02
C CYS C 149 -8.35 40.57 4.15
N GLY C 150 -7.91 39.42 3.66
CA GLY C 150 -8.83 38.48 3.03
C GLY C 150 -9.66 38.93 1.85
N LYS C 151 -9.10 39.76 0.97
CA LYS C 151 -9.82 40.15 -0.25
C LYS C 151 -9.04 39.90 -1.54
N PRO C 152 -8.78 38.63 -1.87
CA PRO C 152 -7.98 38.32 -3.07
C PRO C 152 -8.61 38.91 -4.31
N LYS C 153 -7.77 39.43 -5.20
CA LYS C 153 -8.28 39.99 -6.47
C LYS C 153 -9.03 38.96 -7.30
N ASN C 154 -8.48 37.74 -7.43
CA ASN C 154 -9.10 36.67 -8.21
C ASN C 154 -9.38 35.47 -7.32
N PRO C 155 -10.51 35.45 -6.61
CA PRO C 155 -10.77 34.33 -5.70
C PRO C 155 -10.95 33.01 -6.44
N ALA C 156 -10.60 31.93 -5.74
CA ALA C 156 -10.70 30.58 -6.27
C ALA C 156 -12.15 30.18 -6.52
N ASN C 157 -12.34 29.31 -7.51
CA ASN C 157 -13.66 28.80 -7.86
C ASN C 157 -14.27 27.99 -6.72
N ILE C 162 2.32 19.64 -2.96
CA ILE C 162 1.06 18.96 -3.23
C ILE C 162 1.24 18.10 -4.47
N LEU C 163 0.95 16.81 -4.35
CA LEU C 163 0.97 15.91 -5.49
C LEU C 163 -0.35 15.90 -6.26
N GLY C 164 -1.30 16.76 -5.91
CA GLY C 164 -2.58 16.75 -6.59
C GLY C 164 -2.67 17.49 -7.91
N GLY C 165 -3.76 18.22 -8.08
CA GLY C 165 -4.04 19.02 -9.25
C GLY C 165 -4.37 20.45 -8.86
N HIS C 166 -5.14 21.13 -9.72
CA HIS C 166 -5.52 22.52 -9.52
C HIS C 166 -4.29 23.43 -9.48
N LEU C 167 -3.72 23.66 -10.66
CA LEU C 167 -2.70 24.68 -10.77
C LEU C 167 -3.34 26.04 -10.56
N ASP C 168 -2.75 26.82 -9.67
CA ASP C 168 -3.08 28.22 -9.44
C ASP C 168 -2.58 29.04 -10.64
N ALA C 169 -3.36 29.00 -11.72
CA ALA C 169 -2.92 29.62 -12.96
C ALA C 169 -3.12 31.14 -12.96
N LYS C 170 -4.25 31.62 -12.45
CA LYS C 170 -4.58 33.05 -12.45
C LYS C 170 -4.04 33.80 -11.25
N GLY C 171 -3.40 33.12 -10.32
CA GLY C 171 -2.94 33.74 -9.08
C GLY C 171 -4.10 34.09 -8.16
N SER C 172 -4.19 33.37 -7.06
CA SER C 172 -5.35 33.50 -6.18
C SER C 172 -5.01 33.33 -4.72
N PHE C 173 -3.75 33.14 -4.36
CA PHE C 173 -3.30 32.94 -2.99
C PHE C 173 -2.13 33.86 -2.70
N PRO C 174 -2.38 35.17 -2.64
CA PRO C 174 -1.28 36.12 -2.46
C PRO C 174 -0.62 36.06 -1.09
N TRP C 175 -1.13 35.26 -0.15
CA TRP C 175 -0.47 35.15 1.14
C TRP C 175 0.54 34.02 1.21
N GLN C 176 0.62 33.20 0.16
CA GLN C 176 1.54 32.07 0.16
C GLN C 176 2.95 32.56 -0.12
N ALA C 177 3.90 32.15 0.71
CA ALA C 177 5.31 32.43 0.50
C ALA C 177 6.05 31.12 0.39
N LYS C 178 7.17 31.16 -0.32
CA LYS C 178 8.04 29.99 -0.51
C LYS C 178 9.40 30.27 0.12
N MET C 179 9.71 29.55 1.18
CA MET C 179 11.02 29.69 1.81
C MET C 179 11.91 28.56 1.36
N VAL C 180 13.17 28.87 1.08
CA VAL C 180 14.16 27.87 0.72
C VAL C 180 15.29 27.95 1.74
N SER C 181 15.72 26.78 2.21
CA SER C 181 16.80 26.67 3.17
C SER C 181 18.16 26.68 2.47
N HIS C 182 19.21 26.83 3.28
CA HIS C 182 20.57 26.89 2.76
C HIS C 182 20.93 25.65 1.93
N HIS C 183 20.40 24.48 2.30
CA HIS C 183 20.65 23.24 1.56
C HIS C 183 19.54 22.90 0.57
N ASN C 184 18.89 23.91 0.01
CA ASN C 184 18.04 23.74 -1.17
C ASN C 184 16.83 22.84 -0.89
N LEU C 185 16.03 23.22 0.12
CA LEU C 185 14.72 22.63 0.29
C LEU C 185 13.67 23.72 0.35
N THR C 186 12.58 23.52 -0.38
CA THR C 186 11.51 24.51 -0.48
C THR C 186 10.36 24.09 0.41
N THR C 187 9.90 25.00 1.27
CA THR C 187 8.72 24.78 2.08
C THR C 187 7.85 26.03 2.04
N GLY C 188 6.72 25.98 2.73
CA GLY C 188 5.79 27.08 2.69
C GLY C 188 5.75 27.96 3.93
N ALA C 189 5.18 29.14 3.77
CA ALA C 189 4.95 30.06 4.87
C ALA C 189 3.80 30.97 4.47
N THR C 190 3.16 31.60 5.45
CA THR C 190 1.92 32.30 5.17
C THR C 190 1.99 33.71 5.73
N LEU C 191 1.87 34.70 4.83
CA LEU C 191 1.96 36.10 5.22
C LEU C 191 0.67 36.47 5.96
N ILE C 192 0.81 36.94 7.20
CA ILE C 192 -0.34 37.24 8.04
C ILE C 192 -0.51 38.73 8.30
N ASN C 193 0.51 39.55 8.06
CA ASN C 193 0.33 40.98 7.87
C ASN C 193 1.52 41.50 7.08
N GLU C 194 1.66 42.82 7.01
CA GLU C 194 2.66 43.41 6.13
C GLU C 194 4.09 43.11 6.56
N GLN C 195 4.29 42.62 7.79
CA GLN C 195 5.65 42.37 8.28
C GLN C 195 5.85 40.98 8.89
N TRP C 196 4.81 40.17 9.01
CA TRP C 196 4.92 38.89 9.71
C TRP C 196 4.37 37.71 8.91
N LEU C 197 5.02 36.56 9.08
CA LEU C 197 4.58 35.32 8.45
C LEU C 197 4.54 34.21 9.49
N LEU C 198 3.61 33.29 9.30
CA LEU C 198 3.53 32.07 10.10
C LEU C 198 4.20 30.91 9.37
N THR C 199 4.85 30.04 10.14
CA THR C 199 5.44 28.81 9.61
C THR C 199 5.50 27.80 10.75
N THR C 200 6.10 26.65 10.47
CA THR C 200 6.22 25.62 11.51
C THR C 200 7.64 25.61 12.09
N ALA C 201 7.73 25.17 13.35
CA ALA C 201 9.04 25.05 13.99
C ALA C 201 9.93 24.05 13.26
N LYS C 202 9.34 22.95 12.80
CA LYS C 202 10.12 21.93 12.09
C LYS C 202 10.75 22.50 10.83
N ASN C 203 9.99 23.31 10.09
CA ASN C 203 10.55 23.97 8.91
C ASN C 203 11.77 24.80 9.27
N LEU C 204 11.68 25.55 10.36
CA LEU C 204 12.78 26.41 10.78
C LEU C 204 13.97 25.61 11.28
N PHE C 205 13.73 24.40 11.78
CA PHE C 205 14.80 23.56 12.32
C PHE C 205 15.45 22.65 11.29
N LEU C 206 15.10 22.78 10.01
CA LEU C 206 15.78 22.01 8.98
C LEU C 206 17.24 22.41 8.88
N ASN C 207 18.05 21.51 8.29
CA ASN C 207 19.47 21.76 8.03
C ASN C 207 20.26 21.87 9.35
N HIS C 208 19.55 21.73 10.46
CA HIS C 208 20.08 22.10 11.76
C HIS C 208 20.03 20.91 12.70
N SER C 209 20.81 21.01 13.77
CA SER C 209 20.79 20.08 14.88
C SER C 209 19.56 20.34 15.74
N GLU C 210 19.12 19.31 16.45
CA GLU C 210 17.99 19.41 17.37
C GLU C 210 18.25 20.40 18.49
N ASN C 211 19.42 21.04 18.49
CA ASN C 211 19.67 22.22 19.32
C ASN C 211 20.06 23.37 18.40
N ALA C 212 19.16 24.35 18.29
CA ALA C 212 19.46 25.56 17.54
C ALA C 212 18.60 26.69 18.07
N THR C 213 19.12 27.92 17.98
CA THR C 213 18.39 29.09 18.44
C THR C 213 17.84 29.90 17.26
N ALA C 214 17.31 31.09 17.59
CA ALA C 214 16.75 31.98 16.58
C ALA C 214 17.85 32.66 15.76
N LYS C 215 18.90 33.15 16.43
CA LYS C 215 19.99 33.79 15.70
C LYS C 215 20.80 32.82 14.87
N ASP C 216 20.73 31.52 15.18
CA ASP C 216 21.35 30.54 14.29
C ASP C 216 20.56 30.44 12.99
N ILE C 217 19.24 30.37 13.12
CA ILE C 217 18.38 30.05 11.98
C ILE C 217 18.24 31.24 11.05
N ALA C 218 18.11 32.45 11.61
CA ALA C 218 17.74 33.62 10.82
C ALA C 218 18.62 33.87 9.59
N PRO C 219 19.96 33.84 9.68
CA PRO C 219 20.75 34.14 8.46
C PRO C 219 20.77 33.03 7.43
N THR C 220 20.34 31.81 7.77
CA THR C 220 20.40 30.69 6.83
C THR C 220 19.16 30.56 5.96
N LEU C 221 18.18 31.44 6.09
CA LEU C 221 16.94 31.31 5.33
C LEU C 221 16.91 32.20 4.10
N THR C 222 16.10 31.79 3.14
CA THR C 222 15.80 32.55 1.94
C THR C 222 14.28 32.54 1.78
N LEU C 223 13.70 33.68 1.42
CA LEU C 223 12.25 33.81 1.44
C LEU C 223 11.74 34.55 0.21
N TYR C 224 10.71 33.98 -0.42
CA TYR C 224 10.11 34.50 -1.64
C TYR C 224 8.63 34.74 -1.37
N VAL C 225 8.11 35.82 -1.92
CA VAL C 225 6.69 36.12 -1.94
C VAL C 225 6.26 36.31 -3.38
N GLY C 226 4.95 36.28 -3.59
CA GLY C 226 4.41 36.50 -4.93
C GLY C 226 5.00 35.52 -5.93
N LYS C 227 5.59 36.04 -7.01
CA LYS C 227 6.13 35.15 -8.04
C LYS C 227 7.63 34.93 -7.90
N LYS C 228 8.45 35.97 -7.98
CA LYS C 228 9.87 35.73 -7.77
C LYS C 228 10.56 36.86 -7.01
N GLN C 229 9.85 37.53 -6.10
CA GLN C 229 10.42 38.69 -5.42
C GLN C 229 11.08 38.24 -4.11
N LEU C 230 12.39 38.38 -4.03
CA LEU C 230 13.11 38.00 -2.81
C LEU C 230 12.79 39.04 -1.76
N VAL C 231 12.54 38.60 -0.53
CA VAL C 231 12.34 39.54 0.58
C VAL C 231 13.24 39.15 1.75
N GLU C 232 13.95 40.13 2.28
CA GLU C 232 14.87 39.92 3.39
C GLU C 232 14.13 39.77 4.71
N ILE C 233 14.58 38.83 5.52
CA ILE C 233 13.98 38.51 6.82
C ILE C 233 14.74 39.28 7.89
N GLU C 234 14.00 39.92 8.79
CA GLU C 234 14.62 40.61 9.92
C GLU C 234 14.93 39.67 11.08
N LYS C 235 13.93 38.92 11.56
CA LYS C 235 14.19 37.98 12.66
C LYS C 235 13.14 36.89 12.68
N VAL C 236 13.32 35.94 13.59
CA VAL C 236 12.43 34.79 13.78
C VAL C 236 12.11 34.68 15.26
N VAL C 237 10.85 34.35 15.57
CA VAL C 237 10.41 34.13 16.95
C VAL C 237 9.73 32.77 17.01
N LEU C 238 10.40 31.79 17.59
CA LEU C 238 9.80 30.48 17.79
C LEU C 238 8.75 30.56 18.89
N HIS C 239 7.69 29.77 18.74
CA HIS C 239 6.70 29.67 19.80
C HIS C 239 7.36 29.10 21.05
N PRO C 240 7.15 29.71 22.23
CA PRO C 240 7.79 29.20 23.46
C PRO C 240 7.55 27.73 23.76
N ASN C 241 6.55 27.14 23.12
CA ASN C 241 6.26 25.72 23.23
C ASN C 241 6.46 25.06 21.87
N TYR C 242 7.00 23.83 21.88
CA TYR C 242 6.99 23.03 20.68
C TYR C 242 6.54 21.58 20.89
N SER C 243 6.30 21.14 22.12
CA SER C 243 5.74 19.81 22.24
C SER C 243 4.26 19.73 21.87
N GLN C 244 3.53 20.85 21.91
CA GLN C 244 2.14 20.84 21.51
C GLN C 244 1.81 21.78 20.36
N VAL C 245 2.56 22.85 20.18
CA VAL C 245 2.38 23.80 19.09
C VAL C 245 3.64 23.83 18.24
N ASP C 246 3.48 23.93 16.93
CA ASP C 246 4.60 23.82 16.00
C ASP C 246 4.46 25.04 15.09
N ILE C 247 4.86 26.20 15.61
CA ILE C 247 4.62 27.51 15.00
C ILE C 247 5.82 28.42 15.23
N GLY C 248 6.19 29.16 14.19
CA GLY C 248 7.13 30.26 14.33
C GLY C 248 6.60 31.45 13.57
N LEU C 249 7.00 32.64 14.04
CA LEU C 249 6.74 33.88 13.32
C LEU C 249 8.02 34.44 12.72
N ILE C 250 7.94 34.87 11.47
CA ILE C 250 9.03 35.54 10.77
C ILE C 250 8.70 37.02 10.63
N LYS C 251 9.67 37.87 10.98
CA LYS C 251 9.56 39.32 10.80
C LYS C 251 10.49 39.76 9.69
N LEU C 252 9.96 40.56 8.77
CA LEU C 252 10.71 41.13 7.65
C LEU C 252 11.36 42.44 8.03
N LYS C 253 12.47 42.76 7.35
CA LYS C 253 13.19 43.99 7.64
C LYS C 253 12.35 45.21 7.26
N GLN C 254 11.67 45.16 6.12
CA GLN C 254 10.78 46.24 5.71
C GLN C 254 9.40 45.69 5.41
N LYS C 255 8.42 46.59 5.37
CA LYS C 255 7.07 46.21 5.01
C LYS C 255 7.01 45.81 3.54
N VAL C 256 6.38 44.68 3.25
CA VAL C 256 6.16 44.29 1.86
C VAL C 256 5.10 45.18 1.24
N SER C 257 5.29 45.51 -0.03
CA SER C 257 4.26 46.19 -0.80
C SER C 257 3.10 45.23 -1.08
N VAL C 258 1.88 45.70 -0.86
CA VAL C 258 0.68 44.88 -1.04
C VAL C 258 0.11 45.17 -2.42
N ASN C 259 -0.26 44.12 -3.13
CA ASN C 259 -0.81 44.27 -4.48
C ASN C 259 -1.63 43.03 -4.82
N GLU C 260 -1.87 42.83 -6.13
CA GLU C 260 -2.67 41.69 -6.57
C GLU C 260 -2.00 40.36 -6.28
N ARG C 261 -0.66 40.31 -6.27
CA ARG C 261 0.03 39.04 -6.13
C ARG C 261 0.54 38.79 -4.73
N VAL C 262 0.64 39.81 -3.89
CA VAL C 262 1.17 39.71 -2.54
C VAL C 262 0.22 40.45 -1.61
N MET C 263 -0.46 39.72 -0.73
CA MET C 263 -1.42 40.28 0.20
C MET C 263 -1.59 39.29 1.33
N PRO C 264 -1.62 39.73 2.58
CA PRO C 264 -1.74 38.79 3.70
C PRO C 264 -3.14 38.20 3.78
N ILE C 265 -3.22 37.01 4.38
CA ILE C 265 -4.54 36.45 4.62
C ILE C 265 -4.97 37.01 5.96
N CYS C 266 -6.27 37.15 6.14
CA CYS C 266 -6.80 37.70 7.37
C CYS C 266 -6.88 36.61 8.44
N LEU C 267 -6.68 37.00 9.73
CA LEU C 267 -6.89 36.06 10.84
C LEU C 267 -8.34 35.99 11.29
N PRO C 268 -8.88 34.79 11.48
CA PRO C 268 -10.31 34.63 11.70
C PRO C 268 -10.70 34.90 13.14
N SER C 269 -11.94 35.37 13.32
CA SER C 269 -12.51 35.56 14.64
C SER C 269 -13.45 34.43 15.06
N LYS C 270 -13.97 33.67 14.10
CA LYS C 270 -14.80 32.50 14.36
C LYS C 270 -13.99 31.21 14.24
N ASP C 271 -14.55 30.14 14.81
CA ASP C 271 -14.01 28.79 14.65
C ASP C 271 -14.73 28.15 13.47
N TYR C 272 -14.01 28.03 12.35
CA TYR C 272 -14.55 27.48 11.12
C TYR C 272 -14.30 26.00 10.95
N ALA C 273 -13.65 25.34 11.90
CA ALA C 273 -13.23 23.96 11.73
C ALA C 273 -14.35 22.99 12.12
N GLU C 274 -15.47 23.12 11.42
CA GLU C 274 -16.59 22.20 11.57
C GLU C 274 -16.50 21.09 10.54
N VAL C 275 -16.80 19.87 10.98
CA VAL C 275 -16.70 18.69 10.13
C VAL C 275 -17.51 18.85 8.85
N GLY C 276 -16.87 18.58 7.71
CA GLY C 276 -17.44 18.71 6.39
C GLY C 276 -16.99 19.92 5.60
N ARG C 277 -16.61 21.01 6.28
CA ARG C 277 -16.17 22.19 5.57
C ARG C 277 -14.94 21.93 4.71
N VAL C 278 -15.02 22.31 3.45
CA VAL C 278 -13.96 22.07 2.48
C VAL C 278 -13.08 23.31 2.43
N GLY C 279 -11.81 23.17 2.79
CA GLY C 279 -10.88 24.27 2.66
C GLY C 279 -9.87 24.09 1.55
N TYR C 280 -9.21 25.19 1.18
CA TYR C 280 -8.17 25.18 0.16
C TYR C 280 -6.80 25.24 0.84
N VAL C 281 -5.92 24.32 0.46
CA VAL C 281 -4.52 24.33 0.88
C VAL C 281 -3.67 24.57 -0.35
N SER C 282 -2.94 25.67 -0.37
CA SER C 282 -1.97 25.95 -1.41
C SER C 282 -0.57 25.58 -0.94
N GLY C 283 0.25 25.13 -1.89
CA GLY C 283 1.58 24.66 -1.53
C GLY C 283 2.54 24.59 -2.70
N TRP C 284 3.83 24.69 -2.33
CA TRP C 284 5.01 24.65 -3.16
C TRP C 284 5.70 23.31 -3.07
N GLY C 285 5.08 22.34 -2.40
CA GLY C 285 5.67 21.05 -2.12
C GLY C 285 5.84 20.13 -3.32
N ARG C 286 6.26 18.92 -2.99
CA ARG C 286 6.60 17.90 -3.98
C ARG C 286 5.36 17.33 -4.66
N ASN C 287 5.51 16.99 -5.94
CA ASN C 287 4.44 16.43 -6.74
C ASN C 287 4.53 14.90 -6.72
N ALA C 288 3.88 14.25 -7.69
CA ALA C 288 3.86 12.79 -7.77
C ALA C 288 5.25 12.19 -8.00
N ASN C 289 6.14 12.93 -8.67
CA ASN C 289 7.51 12.44 -8.87
C ASN C 289 8.44 12.81 -7.73
N PHE C 290 7.90 13.33 -6.63
CA PHE C 290 8.71 13.77 -5.49
C PHE C 290 9.77 14.79 -5.90
N LYS C 291 9.42 15.68 -6.82
CA LYS C 291 10.26 16.81 -7.17
C LYS C 291 9.53 18.07 -6.81
N PHE C 292 10.27 19.08 -6.34
CA PHE C 292 9.66 20.36 -6.04
C PHE C 292 8.93 20.93 -7.24
N THR C 293 7.68 21.34 -7.01
CA THR C 293 6.82 21.76 -8.10
C THR C 293 7.34 23.04 -8.75
N ASP C 294 7.13 23.17 -10.04
CA ASP C 294 7.59 24.35 -10.75
C ASP C 294 6.65 25.53 -10.54
N HIS C 295 5.37 25.26 -10.36
CA HIS C 295 4.37 26.30 -10.14
C HIS C 295 3.60 26.00 -8.85
N LEU C 296 3.06 27.06 -8.26
CA LEU C 296 2.28 26.92 -7.04
C LEU C 296 1.01 26.15 -7.34
N LYS C 297 0.61 25.26 -6.43
CA LYS C 297 -0.63 24.52 -6.64
C LYS C 297 -1.49 24.56 -5.39
N TYR C 298 -2.73 24.10 -5.51
CA TYR C 298 -3.61 24.01 -4.36
C TYR C 298 -4.49 22.77 -4.51
N VAL C 299 -4.98 22.29 -3.37
CA VAL C 299 -5.94 21.20 -3.29
C VAL C 299 -7.11 21.63 -2.40
N MET C 300 -8.25 20.98 -2.60
CA MET C 300 -9.40 21.15 -1.72
C MET C 300 -9.53 19.94 -0.81
N LEU C 301 -9.44 20.16 0.50
CA LEU C 301 -9.50 19.06 1.45
C LEU C 301 -10.60 19.31 2.47
N PRO C 302 -11.29 18.27 2.93
CA PRO C 302 -12.27 18.45 3.99
C PRO C 302 -11.67 18.19 5.35
N VAL C 303 -12.17 18.91 6.35
CA VAL C 303 -11.78 18.65 7.73
C VAL C 303 -12.32 17.29 8.14
N ALA C 304 -11.47 16.49 8.78
CA ALA C 304 -11.85 15.14 9.17
C ALA C 304 -12.18 15.06 10.66
N ASP C 305 -12.86 13.97 11.00
CA ASP C 305 -13.22 13.70 12.40
C ASP C 305 -11.98 13.49 13.25
N GLN C 306 -11.90 14.23 14.36
CA GLN C 306 -10.72 14.20 15.21
C GLN C 306 -10.47 12.80 15.76
N ASP C 307 -11.54 12.12 16.18
CA ASP C 307 -11.37 10.78 16.75
C ASP C 307 -10.97 9.77 15.69
N GLN C 308 -11.57 9.86 14.48
CA GLN C 308 -11.11 9.00 13.40
C GLN C 308 -9.63 9.19 13.15
N CYS C 309 -9.14 10.44 13.19
CA CYS C 309 -7.73 10.72 12.98
C CYS C 309 -6.89 10.11 14.08
N ILE C 310 -7.32 10.29 15.34
CA ILE C 310 -6.58 9.75 16.46
C ILE C 310 -6.46 8.24 16.31
N ARG C 311 -7.53 7.59 15.86
CA ARG C 311 -7.46 6.14 15.70
C ARG C 311 -6.59 5.77 14.51
N HIS C 312 -6.59 6.61 13.47
CA HIS C 312 -5.80 6.35 12.27
C HIS C 312 -4.30 6.45 12.55
N TYR C 313 -3.91 7.18 13.58
CA TYR C 313 -2.48 7.37 13.86
C TYR C 313 -2.03 6.63 15.10
N GLU C 314 -2.86 6.60 16.13
CA GLU C 314 -2.53 6.06 17.43
C GLU C 314 -3.48 4.90 17.70
N GLY C 315 -2.99 3.88 18.39
CA GLY C 315 -3.79 2.74 18.78
C GLY C 315 -5.17 3.07 19.33
N SER C 316 -5.21 3.88 20.39
CA SER C 316 -6.44 4.27 21.06
C SER C 316 -6.43 5.76 21.36
N THR C 317 -7.62 6.29 21.60
CA THR C 317 -7.75 7.67 22.06
C THR C 317 -7.42 7.83 23.54
N VAL C 318 -7.41 6.73 24.30
CA VAL C 318 -7.10 6.78 25.73
C VAL C 318 -5.58 6.90 25.88
N PRO C 319 -5.11 7.95 26.57
CA PRO C 319 -3.65 8.18 26.67
C PRO C 319 -2.79 6.99 27.07
N GLU C 320 -3.07 6.32 28.19
CA GLU C 320 -2.18 5.24 28.60
C GLU C 320 -2.31 3.98 27.76
N LYS C 321 -3.17 3.98 26.75
CA LYS C 321 -3.37 2.82 25.89
C LYS C 321 -2.78 3.05 24.50
N LYS C 322 -2.17 4.21 24.26
CA LYS C 322 -1.72 4.58 22.92
C LYS C 322 -0.44 3.86 22.54
N THR C 323 -0.33 3.52 21.26
CA THR C 323 0.86 2.96 20.65
C THR C 323 0.98 3.51 19.24
N PRO C 324 2.20 3.81 18.79
CA PRO C 324 2.39 4.36 17.44
C PRO C 324 1.90 3.42 16.34
N LYS C 325 0.97 3.93 15.53
CA LYS C 325 0.35 3.19 14.44
C LYS C 325 0.36 4.04 13.17
N SER C 326 1.33 4.93 13.09
CA SER C 326 1.49 5.86 11.97
C SER C 326 1.90 5.10 10.72
N PRO C 327 1.10 5.15 9.64
CA PRO C 327 1.53 4.47 8.39
C PRO C 327 2.86 4.98 7.87
N VAL C 328 3.39 6.06 8.42
CA VAL C 328 4.67 6.61 8.01
C VAL C 328 5.63 6.45 9.18
N GLY C 329 6.91 6.73 8.95
CA GLY C 329 7.88 6.70 10.03
C GLY C 329 7.71 7.79 11.08
N VAL C 330 7.70 9.05 10.66
CA VAL C 330 7.52 10.17 11.59
C VAL C 330 6.08 10.26 12.07
N GLN C 331 5.91 10.46 13.39
CA GLN C 331 4.63 10.54 14.09
C GLN C 331 4.17 11.99 14.14
N PRO C 332 2.91 12.28 13.82
CA PRO C 332 2.39 13.63 14.00
C PRO C 332 2.14 13.98 15.46
N ILE C 333 2.06 15.28 15.71
CA ILE C 333 1.67 15.83 17.01
C ILE C 333 0.16 15.99 17.06
N LEU C 334 -0.49 15.28 17.99
CA LEU C 334 -1.94 15.31 18.13
C LEU C 334 -2.29 15.72 19.55
N ASN C 335 -3.12 16.75 19.66
CA ASN C 335 -3.63 17.24 20.95
C ASN C 335 -4.81 18.15 20.67
N GLU C 336 -5.23 18.90 21.70
CA GLU C 336 -6.41 19.74 21.56
C GLU C 336 -6.15 20.97 20.69
N HIS C 337 -4.89 21.30 20.44
CA HIS C 337 -4.54 22.47 19.64
C HIS C 337 -4.53 22.18 18.15
N THR C 338 -4.82 20.95 17.75
CA THR C 338 -4.69 20.52 16.37
C THR C 338 -6.00 19.96 15.86
N PHE C 339 -6.13 19.93 14.54
CA PHE C 339 -7.21 19.22 13.87
C PHE C 339 -6.64 18.48 12.67
N CYS C 340 -7.45 17.58 12.12
CA CYS C 340 -7.06 16.71 11.04
C CYS C 340 -7.90 16.97 9.81
N ALA C 341 -7.43 16.49 8.67
CA ALA C 341 -8.17 16.70 7.44
C ALA C 341 -7.83 15.64 6.41
N GLY C 342 -8.89 15.03 5.88
CA GLY C 342 -8.84 13.99 4.89
C GLY C 342 -8.54 14.56 3.52
N MET C 343 -8.28 13.66 2.57
CA MET C 343 -7.85 14.13 1.26
C MET C 343 -9.09 14.45 0.44
N SER C 344 -8.92 14.78 -0.83
CA SER C 344 -10.07 15.01 -1.70
C SER C 344 -10.65 13.68 -2.19
N LYS C 345 -11.50 13.78 -3.21
CA LYS C 345 -12.19 12.62 -3.73
C LYS C 345 -11.59 12.07 -5.02
N TYR C 346 -10.85 12.86 -5.80
CA TYR C 346 -10.01 12.26 -6.83
C TYR C 346 -8.64 11.82 -6.30
N GLN C 347 -8.50 11.59 -4.99
CA GLN C 347 -7.34 10.96 -4.37
C GLN C 347 -6.10 11.88 -4.35
N GLU C 348 -6.28 13.17 -4.10
CA GLU C 348 -5.14 14.09 -4.02
C GLU C 348 -4.99 14.59 -2.59
N ASP C 349 -3.74 14.87 -2.20
CA ASP C 349 -3.47 15.16 -0.79
C ASP C 349 -2.18 15.99 -0.78
N THR C 350 -1.75 16.42 0.40
CA THR C 350 -0.48 17.13 0.57
C THR C 350 0.69 16.19 0.86
N CYS C 351 1.90 16.66 0.55
CA CYS C 351 3.08 15.83 0.66
C CYS C 351 4.28 16.73 1.01
N TYR C 352 5.49 16.16 0.96
CA TYR C 352 6.71 16.79 1.45
C TYR C 352 6.93 18.22 0.95
N GLY C 353 7.01 19.17 1.89
CA GLY C 353 7.28 20.55 1.58
C GLY C 353 6.10 21.48 1.69
N ASP C 354 4.90 20.95 1.92
CA ASP C 354 3.71 21.75 2.05
C ASP C 354 3.55 22.39 3.43
N ALA C 355 4.29 21.90 4.44
CA ALA C 355 4.14 22.44 5.79
C ALA C 355 4.43 23.93 5.82
N GLY C 356 3.69 24.64 6.67
CA GLY C 356 3.76 26.07 6.77
C GLY C 356 2.69 26.80 6.00
N SER C 357 1.97 26.10 5.12
CA SER C 357 0.88 26.69 4.36
C SER C 357 -0.39 26.79 5.20
N ALA C 358 -1.27 27.70 4.77
CA ALA C 358 -2.53 27.96 5.44
C ALA C 358 -3.64 27.08 4.91
N PHE C 359 -4.42 26.50 5.82
CA PHE C 359 -5.76 26.01 5.50
C PHE C 359 -6.70 27.21 5.38
N ALA C 360 -6.85 27.70 4.15
CA ALA C 360 -7.66 28.90 3.92
C ALA C 360 -9.10 28.52 3.68
N VAL C 361 -10.02 29.13 4.43
CA VAL C 361 -11.45 28.95 4.26
C VAL C 361 -12.01 30.21 3.63
N HIS C 362 -12.81 30.04 2.58
CA HIS C 362 -13.47 31.18 1.94
C HIS C 362 -14.86 31.31 2.55
N ASP C 363 -15.07 32.36 3.35
CA ASP C 363 -16.36 32.63 3.96
C ASP C 363 -17.21 33.40 2.95
N LEU C 364 -18.21 32.71 2.37
CA LEU C 364 -19.07 33.29 1.35
C LEU C 364 -20.00 34.35 1.90
N GLU C 365 -20.28 34.34 3.21
CA GLU C 365 -21.16 35.35 3.79
C GLU C 365 -20.52 36.72 3.73
N GLU C 366 -19.22 36.79 3.99
CA GLU C 366 -18.48 38.04 3.97
C GLU C 366 -17.59 38.16 2.75
N ASP C 367 -17.44 37.08 1.98
CA ASP C 367 -16.47 36.99 0.88
C ASP C 367 -15.09 37.33 1.41
N THR C 368 -14.65 36.54 2.39
CA THR C 368 -13.37 36.81 3.04
C THR C 368 -12.64 35.50 3.29
N TRP C 369 -11.33 35.49 3.09
CA TRP C 369 -10.54 34.29 3.30
C TRP C 369 -9.86 34.33 4.65
N TYR C 370 -9.94 33.21 5.38
CA TYR C 370 -9.49 33.12 6.76
C TYR C 370 -8.52 31.95 6.91
N ALA C 371 -7.45 32.17 7.67
CA ALA C 371 -6.51 31.10 8.01
C ALA C 371 -7.05 30.28 9.16
N THR C 372 -7.66 29.14 8.87
CA THR C 372 -8.22 28.34 9.96
C THR C 372 -7.18 27.40 10.54
N GLY C 373 -6.24 26.92 9.72
CA GLY C 373 -5.19 26.07 10.20
C GLY C 373 -3.88 26.39 9.50
N ILE C 374 -2.79 25.95 10.13
CA ILE C 374 -1.47 25.95 9.53
C ILE C 374 -1.02 24.51 9.46
N LEU C 375 -0.72 24.04 8.25
CA LEU C 375 -0.34 22.65 8.08
C LEU C 375 0.95 22.38 8.85
N SER C 376 0.89 21.43 9.77
CA SER C 376 2.01 21.05 10.63
C SER C 376 2.66 19.75 10.16
N PHE C 377 1.86 18.69 10.04
CA PHE C 377 2.33 17.38 9.62
C PHE C 377 2.15 17.27 8.12
N ASP C 378 3.26 17.34 7.37
CA ASP C 378 3.21 17.36 5.92
C ASP C 378 3.79 16.09 5.33
N LYS C 379 3.55 14.96 6.00
CA LYS C 379 4.07 13.68 5.58
C LYS C 379 2.87 12.84 5.22
N SER C 380 1.69 13.44 5.31
CA SER C 380 0.37 12.90 5.05
C SER C 380 0.21 12.58 3.58
N CYS C 381 1.32 12.36 2.88
CA CYS C 381 1.32 11.89 1.50
C CYS C 381 0.31 10.77 1.32
N ALA C 382 0.02 10.43 0.06
CA ALA C 382 -0.97 9.43 -0.31
C ALA C 382 -0.84 8.09 0.39
N VAL C 383 -0.12 8.02 1.50
CA VAL C 383 0.00 6.79 2.28
C VAL C 383 -0.77 6.87 3.60
N ALA C 384 -0.54 7.89 4.41
CA ALA C 384 -1.50 8.11 5.48
C ALA C 384 -2.76 8.79 4.94
N GLU C 385 -3.75 8.95 5.83
CA GLU C 385 -5.08 9.40 5.40
C GLU C 385 -5.30 10.89 5.61
N TYR C 386 -4.84 11.45 6.73
CA TYR C 386 -5.15 12.81 7.10
C TYR C 386 -3.88 13.62 7.35
N GLY C 387 -3.86 14.85 6.84
CA GLY C 387 -2.90 15.81 7.33
C GLY C 387 -3.34 16.42 8.65
N VAL C 388 -2.38 16.81 9.49
CA VAL C 388 -2.70 17.40 10.78
C VAL C 388 -2.21 18.83 10.77
N TYR C 389 -3.07 19.73 11.25
CA TYR C 389 -2.88 21.18 11.20
C TYR C 389 -3.02 21.74 12.60
N VAL C 390 -2.27 22.80 12.89
CA VAL C 390 -2.45 23.52 14.15
C VAL C 390 -3.60 24.51 13.99
N LYS C 391 -4.54 24.49 14.93
CA LYS C 391 -5.64 25.45 14.92
C LYS C 391 -5.15 26.86 15.21
N VAL C 392 -5.46 27.78 14.30
CA VAL C 392 -5.00 29.16 14.44
C VAL C 392 -5.77 29.86 15.56
N THR C 393 -7.03 29.49 15.75
CA THR C 393 -7.83 30.09 16.82
C THR C 393 -7.16 29.88 18.18
N SER C 394 -6.39 28.80 18.32
CA SER C 394 -5.78 28.45 19.59
C SER C 394 -4.44 29.16 19.79
N ILE C 395 -3.98 29.92 18.80
CA ILE C 395 -2.76 30.70 18.89
C ILE C 395 -3.00 32.17 18.58
N GLN C 396 -4.25 32.56 18.33
CA GLN C 396 -4.55 33.94 17.95
C GLN C 396 -4.02 34.93 18.99
N ASP C 397 -4.29 34.66 20.27
CA ASP C 397 -3.86 35.57 21.32
C ASP C 397 -2.34 35.71 21.33
N TRP C 398 -1.64 34.57 21.22
CA TRP C 398 -0.17 34.61 21.19
C TRP C 398 0.33 35.39 19.99
N VAL C 399 -0.38 35.29 18.86
CA VAL C 399 0.06 36.01 17.66
C VAL C 399 -0.10 37.50 17.86
N GLN C 400 -1.28 37.93 18.31
CA GLN C 400 -1.49 39.35 18.60
C GLN C 400 -0.48 39.87 19.60
N LYS C 401 -0.15 39.06 20.61
CA LYS C 401 0.80 39.51 21.63
C LYS C 401 2.19 39.67 21.04
N THR C 402 2.63 38.67 20.27
CA THR C 402 3.96 38.71 19.68
C THR C 402 4.06 39.90 18.73
N ILE C 403 2.98 40.18 18.01
CA ILE C 403 3.00 41.30 17.06
C ILE C 403 3.06 42.61 17.83
N ALA C 404 2.31 42.73 18.92
CA ALA C 404 2.33 43.96 19.71
C ALA C 404 3.72 44.21 20.27
N GLU C 405 4.39 43.17 20.72
CA GLU C 405 5.71 43.33 21.32
C GLU C 405 6.78 43.47 20.23
N GLY D 154 -34.54 -6.26 37.89
CA GLY D 154 -35.85 -6.41 37.28
C GLY D 154 -35.78 -6.90 35.85
N SER D 155 -36.79 -6.55 35.06
CA SER D 155 -36.86 -6.93 33.65
C SER D 155 -36.66 -5.73 32.72
N ASN D 156 -35.83 -4.77 33.13
CA ASN D 156 -35.57 -3.58 32.33
C ASN D 156 -34.23 -3.66 31.60
N LEU D 157 -33.60 -4.83 31.61
CA LEU D 157 -32.31 -5.06 30.96
C LEU D 157 -32.52 -5.90 29.72
N GLU D 158 -32.23 -5.36 28.55
CA GLU D 158 -32.28 -6.12 27.31
C GLU D 158 -30.92 -6.09 26.63
N MET D 159 -30.57 -7.21 26.01
CA MET D 159 -29.38 -7.37 25.19
C MET D 159 -29.76 -7.86 23.79
N ARG D 160 -29.04 -7.36 22.79
CA ARG D 160 -29.16 -7.87 21.42
C ARG D 160 -27.81 -7.83 20.73
N LEU D 161 -27.67 -8.66 19.69
CA LEU D 161 -26.57 -8.58 18.74
C LEU D 161 -26.99 -7.89 17.45
N THR D 162 -26.19 -6.92 17.02
CA THR D 162 -26.48 -6.08 15.86
C THR D 162 -25.43 -6.23 14.78
N ARG D 163 -25.88 -6.21 13.52
CA ARG D 163 -25.04 -6.24 12.32
C ARG D 163 -24.31 -7.55 12.06
N GLY D 164 -24.59 -8.61 12.80
CA GLY D 164 -23.94 -9.86 12.44
C GLY D 164 -24.73 -10.75 11.51
N GLY D 165 -25.60 -10.16 10.71
CA GLY D 165 -26.37 -10.90 9.72
C GLY D 165 -27.48 -11.78 10.24
N ASN D 166 -27.41 -12.20 11.49
CA ASN D 166 -28.51 -12.93 12.11
C ASN D 166 -28.59 -12.58 13.59
N MET D 167 -29.62 -13.11 14.25
CA MET D 167 -29.85 -12.80 15.66
C MET D 167 -28.84 -13.46 16.59
N CYS D 168 -28.01 -14.39 16.09
CA CYS D 168 -27.07 -15.11 16.95
C CYS D 168 -25.62 -14.73 16.65
N SER D 169 -25.41 -13.63 15.92
CA SER D 169 -24.07 -13.12 15.69
C SER D 169 -24.11 -11.60 15.61
N GLY D 170 -23.11 -10.95 16.19
CA GLY D 170 -22.98 -9.51 16.08
C GLY D 170 -22.29 -8.91 17.28
N ARG D 171 -22.11 -7.60 17.19
CA ARG D 171 -21.67 -6.78 18.31
C ARG D 171 -22.67 -6.79 19.47
N ILE D 172 -22.15 -6.86 20.68
CA ILE D 172 -22.96 -6.86 21.90
C ILE D 172 -23.45 -5.44 22.15
N GLU D 173 -24.77 -5.26 22.18
CA GLU D 173 -25.41 -4.02 22.59
C GLU D 173 -26.33 -4.28 23.78
N ILE D 174 -26.23 -3.44 24.81
CA ILE D 174 -27.04 -3.53 26.01
C ILE D 174 -27.90 -2.29 26.12
N LYS D 175 -29.21 -2.49 26.29
CA LYS D 175 -30.13 -1.39 26.58
C LYS D 175 -30.26 -1.17 28.08
N PHE D 176 -29.89 0.02 28.54
CA PHE D 176 -30.08 0.40 29.93
C PHE D 176 -30.72 1.78 29.94
N GLN D 177 -31.82 1.92 30.70
CA GLN D 177 -32.61 3.16 30.73
C GLN D 177 -32.94 3.66 29.33
N GLY D 178 -33.26 2.73 28.43
CA GLY D 178 -33.64 3.09 27.08
C GLY D 178 -32.51 3.44 26.13
N ARG D 179 -31.26 3.46 26.57
CA ARG D 179 -30.13 3.73 25.68
C ARG D 179 -29.35 2.45 25.44
N TRP D 180 -29.11 2.15 24.16
CA TRP D 180 -28.20 1.09 23.77
C TRP D 180 -26.73 1.50 23.90
N GLY D 181 -25.89 0.55 24.30
CA GLY D 181 -24.46 0.77 24.35
C GLY D 181 -23.73 -0.56 24.23
N THR D 182 -22.40 -0.49 24.13
CA THR D 182 -21.60 -1.65 23.78
C THR D 182 -20.72 -2.07 24.94
N VAL D 183 -19.93 -3.12 24.70
CA VAL D 183 -18.97 -3.64 25.67
C VAL D 183 -17.62 -3.76 24.97
N CYS D 184 -16.56 -3.33 25.65
CA CYS D 184 -15.21 -3.44 25.12
C CYS D 184 -14.71 -4.89 25.23
N ASP D 185 -13.80 -5.24 24.33
CA ASP D 185 -13.19 -6.57 24.28
C ASP D 185 -11.98 -6.73 25.20
N ASP D 186 -11.56 -5.69 25.89
CA ASP D 186 -10.54 -5.82 26.92
C ASP D 186 -10.94 -6.89 27.93
N ASN D 187 -10.04 -7.85 28.14
CA ASN D 187 -10.23 -9.04 28.98
C ASN D 187 -11.45 -9.88 28.59
N PHE D 188 -12.01 -9.66 27.40
CA PHE D 188 -13.15 -10.42 26.93
C PHE D 188 -12.67 -11.82 26.56
N ASN D 189 -13.46 -12.84 26.85
CA ASN D 189 -12.97 -14.20 26.67
C ASN D 189 -14.11 -15.16 26.41
N ILE D 190 -13.75 -16.44 26.25
CA ILE D 190 -14.70 -17.48 25.87
C ILE D 190 -15.78 -17.71 26.93
N ASP D 191 -15.49 -17.42 28.20
CA ASP D 191 -16.52 -17.61 29.22
C ASP D 191 -17.63 -16.56 29.09
N HIS D 192 -17.25 -15.32 28.80
CA HIS D 192 -18.21 -14.27 28.50
C HIS D 192 -19.04 -14.61 27.27
N ALA D 193 -18.38 -15.03 26.18
CA ALA D 193 -19.12 -15.44 25.00
C ALA D 193 -20.04 -16.62 25.27
N SER D 194 -19.62 -17.54 26.13
CA SER D 194 -20.49 -18.68 26.46
C SER D 194 -21.74 -18.21 27.18
N VAL D 195 -21.56 -17.23 28.07
CA VAL D 195 -22.70 -16.60 28.74
C VAL D 195 -23.61 -15.91 27.71
N ILE D 196 -23.03 -15.16 26.77
CA ILE D 196 -23.85 -14.43 25.80
C ILE D 196 -24.63 -15.41 24.92
N CYS D 197 -23.97 -16.44 24.39
CA CYS D 197 -24.63 -17.42 23.53
C CYS D 197 -25.71 -18.17 24.31
N ARG D 198 -25.48 -18.37 25.61
CA ARG D 198 -26.52 -18.92 26.47
C ARG D 198 -27.70 -17.97 26.61
N GLN D 199 -27.48 -16.66 26.77
CA GLN D 199 -28.61 -15.74 26.93
C GLN D 199 -29.55 -15.78 25.73
N LEU D 200 -29.02 -15.90 24.52
CA LEU D 200 -29.88 -15.97 23.35
C LEU D 200 -30.38 -17.36 23.02
N GLU D 201 -30.10 -18.37 23.85
CA GLU D 201 -30.45 -19.75 23.52
C GLU D 201 -29.88 -20.13 22.15
N CYS D 202 -28.80 -19.46 21.77
CA CYS D 202 -28.16 -19.61 20.46
C CYS D 202 -27.10 -20.71 20.45
N GLY D 203 -27.01 -21.50 21.52
CA GLY D 203 -26.05 -22.57 21.62
C GLY D 203 -24.72 -22.21 22.27
N SER D 204 -23.64 -22.86 21.83
CA SER D 204 -22.32 -22.57 22.37
C SER D 204 -21.66 -21.39 21.67
N ALA D 205 -20.76 -20.74 22.41
CA ALA D 205 -19.86 -19.75 21.82
C ALA D 205 -18.93 -20.37 20.81
N VAL D 206 -18.66 -19.63 19.72
CA VAL D 206 -17.73 -20.06 18.70
C VAL D 206 -16.54 -19.12 18.59
N SER D 207 -16.80 -17.82 18.54
CA SER D 207 -15.72 -16.85 18.35
C SER D 207 -16.06 -15.58 19.10
N PHE D 208 -15.03 -14.88 19.56
CA PHE D 208 -15.16 -13.49 19.99
C PHE D 208 -14.13 -12.64 19.24
N SER D 209 -14.48 -11.39 18.98
CA SER D 209 -13.56 -10.50 18.29
C SER D 209 -13.83 -9.07 18.70
N GLY D 210 -12.80 -8.23 18.60
CA GLY D 210 -12.96 -6.81 18.72
C GLY D 210 -13.67 -6.20 17.53
N SER D 211 -13.70 -4.87 17.52
CA SER D 211 -14.45 -4.11 16.53
C SER D 211 -13.86 -4.27 15.14
N SER D 212 -13.78 -5.50 14.64
CA SER D 212 -13.13 -5.73 13.35
C SER D 212 -14.10 -6.48 12.45
N ASN D 213 -14.92 -7.34 13.05
CA ASN D 213 -15.81 -8.20 12.29
C ASN D 213 -17.17 -7.57 12.10
N PHE D 214 -17.59 -6.73 13.03
CA PHE D 214 -18.90 -6.09 13.04
C PHE D 214 -18.84 -4.58 12.87
N GLY D 215 -17.67 -3.99 12.73
CA GLY D 215 -17.53 -2.55 12.75
C GLY D 215 -17.62 -1.96 14.15
N GLU D 216 -17.18 -0.70 14.24
CA GLU D 216 -17.29 0.04 15.48
C GLU D 216 -18.75 0.27 15.87
N GLY D 217 -19.02 0.21 17.17
CA GLY D 217 -20.30 0.60 17.72
C GLY D 217 -20.40 2.09 17.96
N SER D 218 -21.39 2.47 18.76
CA SER D 218 -21.59 3.86 19.14
C SER D 218 -22.27 3.94 20.49
N GLY D 219 -21.91 4.96 21.26
CA GLY D 219 -22.52 5.24 22.53
C GLY D 219 -21.63 4.95 23.73
N PRO D 220 -22.26 4.62 24.86
CA PRO D 220 -21.48 4.23 26.04
C PRO D 220 -20.91 2.82 25.95
N ILE D 221 -19.73 2.66 26.54
CA ILE D 221 -19.22 1.34 26.87
C ILE D 221 -19.69 1.00 28.28
N TRP D 222 -20.51 -0.06 28.40
CA TRP D 222 -21.16 -0.35 29.67
C TRP D 222 -20.26 -1.14 30.62
N PHE D 223 -19.43 -2.04 30.11
CA PHE D 223 -18.66 -2.93 30.97
C PHE D 223 -17.22 -3.05 30.48
N ASP D 224 -16.31 -3.21 31.42
CA ASP D 224 -14.89 -3.36 31.12
C ASP D 224 -14.20 -4.15 32.22
N ASP D 225 -13.11 -4.83 31.84
CA ASP D 225 -12.37 -5.72 32.72
C ASP D 225 -13.29 -6.66 33.50
N LEU D 226 -14.23 -7.28 32.80
CA LEU D 226 -15.09 -8.26 33.45
C LEU D 226 -14.30 -9.46 33.95
N ILE D 227 -14.73 -9.98 35.10
CA ILE D 227 -14.22 -11.23 35.67
C ILE D 227 -15.47 -12.06 35.97
N CYS D 228 -15.82 -12.97 35.07
CA CYS D 228 -16.91 -13.90 35.33
C CYS D 228 -16.67 -15.25 34.65
N ASN D 229 -17.18 -16.28 35.29
CA ASN D 229 -16.75 -17.68 35.21
C ASN D 229 -17.42 -18.45 34.07
N GLY D 230 -18.42 -17.87 33.42
CA GLY D 230 -19.14 -18.56 32.36
C GLY D 230 -20.37 -19.32 32.80
N ASN D 231 -20.68 -19.32 34.09
CA ASN D 231 -21.86 -20.01 34.59
C ASN D 231 -22.90 -19.00 35.05
N GLU D 232 -22.60 -17.71 34.94
CA GLU D 232 -23.49 -16.63 35.34
C GLU D 232 -24.74 -16.62 34.47
N SER D 233 -25.87 -16.27 35.09
CA SER D 233 -27.15 -16.26 34.37
C SER D 233 -27.26 -15.12 33.36
N ALA D 234 -26.51 -14.04 33.52
CA ALA D 234 -26.55 -12.96 32.53
C ALA D 234 -25.24 -12.20 32.53
N LEU D 235 -24.92 -11.59 31.37
CA LEU D 235 -23.64 -10.89 31.23
C LEU D 235 -23.53 -9.73 32.21
N TRP D 236 -24.63 -9.01 32.46
CA TRP D 236 -24.65 -7.95 33.44
C TRP D 236 -24.61 -8.44 34.87
N ASN D 237 -24.61 -9.76 35.07
CA ASN D 237 -24.35 -10.37 36.36
C ASN D 237 -22.89 -10.70 36.58
N CYS D 238 -22.05 -10.57 35.54
CA CYS D 238 -20.62 -10.67 35.74
C CYS D 238 -20.08 -9.52 36.57
N LYS D 239 -18.97 -9.78 37.25
CA LYS D 239 -18.30 -8.78 38.07
C LYS D 239 -17.74 -7.63 37.23
N HIS D 240 -18.02 -6.41 37.64
CA HIS D 240 -17.62 -5.22 36.89
C HIS D 240 -17.30 -4.08 37.84
N GLN D 241 -16.51 -3.13 37.34
CA GLN D 241 -16.07 -1.97 38.11
C GLN D 241 -17.14 -0.92 38.25
N GLY D 242 -18.26 -1.08 37.56
CA GLY D 242 -19.37 -0.15 37.61
C GLY D 242 -19.74 0.38 36.24
N TRP D 243 -20.99 0.84 36.11
CA TRP D 243 -21.48 1.29 34.81
C TRP D 243 -20.73 2.54 34.36
N GLY D 244 -20.25 2.50 33.12
CA GLY D 244 -19.57 3.63 32.51
C GLY D 244 -18.15 3.85 32.96
N LYS D 245 -17.57 2.90 33.70
CA LYS D 245 -16.15 2.91 34.03
C LYS D 245 -15.41 2.01 33.06
N HIS D 246 -14.57 2.62 32.21
CA HIS D 246 -13.80 1.83 31.27
C HIS D 246 -12.52 2.58 30.91
N ASN D 247 -11.55 1.82 30.42
CA ASN D 247 -10.38 2.35 29.75
C ASN D 247 -10.41 2.13 28.24
N CYS D 248 -11.43 1.47 27.72
CA CYS D 248 -11.44 1.09 26.32
C CYS D 248 -11.89 2.25 25.43
N ASP D 249 -11.52 2.16 24.15
CA ASP D 249 -12.12 2.98 23.09
C ASP D 249 -13.08 2.14 22.25
N HIS D 250 -13.73 2.79 21.29
CA HIS D 250 -14.73 2.13 20.46
C HIS D 250 -14.11 1.16 19.46
N ALA D 251 -12.79 1.20 19.27
CA ALA D 251 -12.07 0.21 18.49
C ALA D 251 -11.98 -1.14 19.20
N GLU D 252 -12.34 -1.18 20.48
CA GLU D 252 -12.34 -2.39 21.28
C GLU D 252 -13.73 -2.96 21.53
N ASP D 253 -14.73 -2.55 20.74
CA ASP D 253 -16.07 -3.09 20.92
C ASP D 253 -16.09 -4.57 20.55
N ALA D 254 -16.38 -5.41 21.53
CA ALA D 254 -16.48 -6.84 21.37
C ALA D 254 -17.69 -7.29 20.54
N GLY D 255 -17.49 -8.33 19.74
CA GLY D 255 -18.57 -8.98 19.03
C GLY D 255 -18.47 -10.48 19.20
N VAL D 256 -19.59 -11.16 18.96
CA VAL D 256 -19.64 -12.62 19.11
C VAL D 256 -20.42 -13.25 17.96
N ILE D 257 -20.11 -14.51 17.66
CA ILE D 257 -20.90 -15.36 16.78
C ILE D 257 -21.23 -16.65 17.52
N CYS D 258 -22.52 -16.99 17.61
CA CYS D 258 -22.92 -18.24 18.22
C CYS D 258 -23.27 -19.32 17.17
N SER D 259 -23.23 -20.57 17.62
CA SER D 259 -23.39 -21.73 16.74
C SER D 259 -24.72 -21.76 15.99
N LYS D 260 -25.82 -21.30 16.60
CA LYS D 260 -27.07 -21.25 15.85
C LYS D 260 -27.12 -20.15 14.80
N GLY D 261 -26.21 -19.19 14.84
CA GLY D 261 -26.22 -18.17 13.82
C GLY D 261 -25.10 -18.40 12.84
N ALA D 262 -24.28 -19.39 13.14
CA ALA D 262 -23.10 -19.70 12.34
C ALA D 262 -23.35 -20.88 11.40
N ASP D 263 -23.72 -22.04 11.95
CA ASP D 263 -23.95 -23.26 11.18
C ASP D 263 -22.74 -23.70 10.36
N LEU D 264 -21.90 -24.56 10.93
CA LEU D 264 -20.67 -25.01 10.28
C LEU D 264 -20.72 -26.50 9.99
N SER D 265 -20.23 -26.86 8.81
CA SER D 265 -19.99 -28.24 8.41
C SER D 265 -18.80 -28.25 7.46
N LEU D 266 -18.06 -29.35 7.49
CA LEU D 266 -16.91 -29.56 6.63
C LEU D 266 -17.13 -30.71 5.65
N ARG D 267 -16.71 -30.49 4.40
CA ARG D 267 -16.72 -31.51 3.36
C ARG D 267 -15.50 -31.34 2.48
N LEU D 268 -15.15 -32.42 1.78
CA LEU D 268 -14.18 -32.41 0.68
C LEU D 268 -14.89 -32.38 -0.67
N VAL D 269 -14.31 -31.63 -1.61
CA VAL D 269 -14.85 -31.49 -2.96
C VAL D 269 -13.78 -31.78 -4.00
N ASP D 270 -14.20 -32.42 -5.09
CA ASP D 270 -13.35 -32.73 -6.25
C ASP D 270 -12.14 -33.59 -5.87
N GLY D 271 -12.30 -34.43 -4.85
CA GLY D 271 -11.24 -35.36 -4.52
C GLY D 271 -11.15 -36.51 -5.50
N VAL D 272 -10.00 -37.19 -5.46
CA VAL D 272 -9.90 -38.49 -6.11
C VAL D 272 -10.70 -39.52 -5.32
N THR D 273 -10.78 -39.35 -4.00
CA THR D 273 -11.59 -40.18 -3.12
C THR D 273 -12.37 -39.26 -2.18
N GLU D 274 -13.29 -39.87 -1.42
CA GLU D 274 -14.00 -39.14 -0.37
C GLU D 274 -13.08 -38.65 0.75
N CYS D 275 -11.83 -39.09 0.81
CA CYS D 275 -10.90 -38.66 1.85
C CYS D 275 -9.74 -37.85 1.28
N SER D 276 -9.89 -37.34 0.06
CA SER D 276 -9.00 -36.33 -0.49
C SER D 276 -9.83 -35.27 -1.20
N GLY D 277 -9.25 -34.10 -1.38
CA GLY D 277 -9.86 -33.05 -2.16
C GLY D 277 -9.66 -31.69 -1.52
N ARG D 278 -10.29 -30.69 -2.12
CA ARG D 278 -10.31 -29.36 -1.52
C ARG D 278 -11.25 -29.33 -0.32
N LEU D 279 -10.79 -28.67 0.74
CA LEU D 279 -11.53 -28.59 1.98
C LEU D 279 -12.47 -27.38 1.91
N GLU D 280 -13.76 -27.61 2.11
CA GLU D 280 -14.76 -26.55 2.16
C GLU D 280 -15.52 -26.55 3.48
N VAL D 281 -15.73 -25.35 4.02
CA VAL D 281 -16.51 -25.12 5.23
C VAL D 281 -17.81 -24.44 4.82
N ARG D 282 -18.93 -24.98 5.28
CA ARG D 282 -20.21 -24.29 5.17
C ARG D 282 -20.36 -23.32 6.33
N PHE D 283 -20.61 -22.05 6.00
CA PHE D 283 -20.86 -21.00 6.98
C PHE D 283 -22.10 -20.22 6.56
N GLN D 284 -23.09 -20.16 7.45
CA GLN D 284 -24.35 -19.45 7.22
C GLN D 284 -25.00 -19.84 5.91
N GLY D 285 -24.84 -21.09 5.50
CA GLY D 285 -25.47 -21.61 4.31
C GLY D 285 -24.61 -21.64 3.07
N GLU D 286 -23.50 -20.90 3.04
CA GLU D 286 -22.64 -20.85 1.86
C GLU D 286 -21.36 -21.62 2.12
N TRP D 287 -20.87 -22.32 1.09
CA TRP D 287 -19.61 -23.02 1.18
C TRP D 287 -18.44 -22.13 0.76
N GLY D 288 -17.32 -22.23 1.47
CA GLY D 288 -16.12 -21.56 1.01
C GLY D 288 -14.86 -22.30 1.44
N THR D 289 -13.73 -21.86 0.89
CA THR D 289 -12.46 -22.52 1.11
C THR D 289 -11.66 -21.81 2.20
N ILE D 290 -10.49 -22.37 2.52
CA ILE D 290 -9.52 -21.79 3.43
C ILE D 290 -8.22 -21.56 2.66
N CYS D 291 -7.58 -20.43 2.92
CA CYS D 291 -6.26 -20.17 2.33
C CYS D 291 -5.22 -20.98 3.09
N ASP D 292 -4.18 -21.40 2.37
CA ASP D 292 -3.11 -22.21 2.93
C ASP D 292 -2.03 -21.42 3.63
N ASP D 293 -2.18 -20.11 3.77
CA ASP D 293 -1.25 -19.36 4.61
C ASP D 293 -1.25 -19.98 6.01
N GLY D 294 -0.09 -20.53 6.40
CA GLY D 294 0.12 -21.22 7.65
C GLY D 294 -0.49 -22.61 7.76
N TRP D 295 -1.11 -23.11 6.69
CA TRP D 295 -1.79 -24.41 6.73
C TRP D 295 -0.76 -25.51 6.93
N ASP D 296 -0.86 -26.29 8.00
CA ASP D 296 0.18 -27.26 8.30
C ASP D 296 -0.41 -28.66 8.51
N SER D 297 0.46 -29.59 8.87
CA SER D 297 0.06 -31.00 9.06
C SER D 297 -0.84 -31.23 10.26
N TYR D 298 -0.79 -30.36 11.28
CA TYR D 298 -1.74 -30.50 12.38
C TYR D 298 -3.14 -30.10 11.95
N ASP D 299 -3.25 -29.07 11.13
CA ASP D 299 -4.54 -28.68 10.58
C ASP D 299 -5.11 -29.78 9.69
N ALA D 300 -4.29 -30.32 8.80
CA ALA D 300 -4.71 -31.45 7.97
C ALA D 300 -5.14 -32.65 8.81
N ALA D 301 -4.40 -32.92 9.89
CA ALA D 301 -4.77 -34.02 10.78
C ALA D 301 -6.10 -33.79 11.47
N VAL D 302 -6.36 -32.55 11.91
CA VAL D 302 -7.66 -32.21 12.47
C VAL D 302 -8.77 -32.38 11.45
N ALA D 303 -8.55 -31.91 10.22
CA ALA D 303 -9.55 -32.09 9.17
C ALA D 303 -9.84 -33.56 8.90
N CYS D 304 -8.79 -34.36 8.71
CA CYS D 304 -8.97 -35.79 8.48
C CYS D 304 -9.73 -36.45 9.63
N LYS D 305 -9.38 -36.12 10.88
CA LYS D 305 -10.10 -36.66 12.02
C LYS D 305 -11.58 -36.27 12.01
N GLN D 306 -11.89 -35.02 11.69
CA GLN D 306 -13.29 -34.60 11.68
C GLN D 306 -14.10 -35.34 10.62
N LEU D 307 -13.53 -35.62 9.45
CA LEU D 307 -14.26 -36.41 8.47
C LEU D 307 -14.33 -37.89 8.80
N GLY D 308 -13.65 -38.35 9.84
CA GLY D 308 -13.62 -39.79 10.08
C GLY D 308 -12.76 -40.56 9.10
N CYS D 309 -11.85 -39.88 8.42
CA CYS D 309 -10.90 -40.44 7.48
C CYS D 309 -9.64 -40.89 8.20
N PRO D 310 -8.86 -41.80 7.61
CA PRO D 310 -7.59 -42.20 8.23
C PRO D 310 -6.63 -41.02 8.39
N THR D 311 -5.97 -40.99 9.55
CA THR D 311 -5.05 -39.90 9.88
C THR D 311 -3.60 -40.36 10.03
N ALA D 312 -3.26 -41.56 9.56
CA ALA D 312 -1.88 -42.02 9.67
C ALA D 312 -0.95 -41.16 8.83
N VAL D 313 -1.40 -40.74 7.65
CA VAL D 313 -0.65 -39.85 6.76
C VAL D 313 -1.60 -38.78 6.26
N THR D 314 -1.22 -37.51 6.43
CA THR D 314 -2.06 -36.38 6.08
C THR D 314 -1.25 -35.41 5.25
N ALA D 315 -1.64 -35.22 3.99
CA ALA D 315 -1.02 -34.24 3.11
C ALA D 315 -1.88 -32.99 3.03
N ILE D 316 -1.23 -31.86 2.87
CA ILE D 316 -1.90 -30.63 2.46
C ILE D 316 -1.98 -30.55 0.94
N GLY D 317 -2.86 -29.70 0.46
CA GLY D 317 -2.95 -29.33 -0.95
C GLY D 317 -4.15 -29.95 -1.65
N ARG D 318 -4.35 -29.45 -2.88
CA ARG D 318 -5.50 -29.74 -3.74
C ARG D 318 -5.11 -30.62 -4.93
N VAL D 319 -5.49 -31.89 -4.85
CA VAL D 319 -5.31 -32.84 -5.94
C VAL D 319 -6.59 -32.85 -6.77
N ASN D 320 -6.47 -32.51 -8.05
CA ASN D 320 -7.60 -32.32 -8.96
C ASN D 320 -8.60 -31.28 -8.49
N ALA D 321 -8.36 -30.65 -7.35
CA ALA D 321 -9.29 -29.65 -6.88
C ALA D 321 -9.05 -28.31 -7.59
N SER D 322 -10.12 -27.72 -8.09
CA SER D 322 -10.07 -26.42 -8.74
C SER D 322 -9.70 -25.35 -7.73
N LYS D 323 -9.48 -24.13 -8.22
CA LYS D 323 -9.44 -23.00 -7.30
C LYS D 323 -10.86 -22.71 -6.85
N GLY D 324 -11.02 -22.42 -5.57
CA GLY D 324 -12.33 -22.03 -5.06
C GLY D 324 -12.80 -20.69 -5.60
N PHE D 325 -14.00 -20.32 -5.19
CA PHE D 325 -14.58 -19.02 -5.51
C PHE D 325 -15.38 -18.52 -4.32
N GLY D 326 -15.52 -17.19 -4.27
CA GLY D 326 -16.33 -16.56 -3.23
C GLY D 326 -15.52 -16.27 -1.98
N HIS D 327 -16.07 -16.66 -0.82
CA HIS D 327 -15.47 -16.31 0.46
C HIS D 327 -14.35 -17.27 0.85
N ILE D 328 -13.32 -16.71 1.49
CA ILE D 328 -12.37 -17.47 2.29
C ILE D 328 -12.67 -17.20 3.75
N TRP D 329 -13.16 -18.22 4.46
CA TRP D 329 -13.71 -18.03 5.80
C TRP D 329 -12.65 -18.08 6.90
N LEU D 330 -11.68 -18.96 6.80
CA LEU D 330 -10.63 -19.13 7.80
C LEU D 330 -9.26 -18.90 7.19
N ASP D 331 -8.38 -18.26 7.97
CA ASP D 331 -7.01 -17.99 7.56
C ASP D 331 -6.05 -18.22 8.72
N SER D 332 -4.84 -18.66 8.38
CA SER D 332 -3.79 -18.97 9.34
C SER D 332 -4.27 -19.91 10.43
N VAL D 333 -4.94 -20.99 10.01
CA VAL D 333 -5.34 -22.03 10.94
C VAL D 333 -4.09 -22.68 11.53
N SER D 334 -4.07 -22.80 12.85
CA SER D 334 -2.94 -23.42 13.55
C SER D 334 -3.51 -24.28 14.68
N CYS D 335 -3.60 -25.58 14.41
CA CYS D 335 -4.11 -26.58 15.34
C CYS D 335 -2.97 -27.22 16.12
N GLN D 336 -3.32 -27.75 17.30
CA GLN D 336 -2.43 -28.62 18.05
C GLN D 336 -2.70 -30.10 17.80
N GLY D 337 -3.75 -30.41 17.04
CA GLY D 337 -4.11 -31.76 16.68
C GLY D 337 -5.09 -32.47 17.60
N HIS D 338 -5.45 -31.87 18.73
CA HIS D 338 -6.37 -32.51 19.66
C HIS D 338 -7.76 -31.92 19.56
N GLU D 339 -7.89 -30.76 18.92
CA GLU D 339 -9.16 -30.07 18.77
C GLU D 339 -10.18 -30.95 18.07
N PRO D 340 -11.44 -30.92 18.50
CA PRO D 340 -12.47 -31.75 17.85
C PRO D 340 -12.98 -31.19 16.54
N ALA D 341 -12.73 -29.92 16.25
CA ALA D 341 -13.18 -29.35 14.99
C ALA D 341 -12.25 -28.21 14.59
N ILE D 342 -12.16 -27.99 13.28
CA ILE D 342 -11.21 -27.03 12.71
C ILE D 342 -11.50 -25.61 13.18
N TRP D 343 -12.77 -25.28 13.35
CA TRP D 343 -13.15 -23.96 13.86
C TRP D 343 -12.94 -23.79 15.35
N GLN D 344 -12.36 -24.77 16.04
CA GLN D 344 -11.92 -24.56 17.41
C GLN D 344 -10.41 -24.33 17.53
N CYS D 345 -9.67 -24.47 16.44
CA CYS D 345 -8.27 -24.05 16.40
C CYS D 345 -8.15 -22.53 16.37
N LYS D 346 -6.94 -22.06 16.64
CA LYS D 346 -6.61 -20.65 16.49
C LYS D 346 -6.66 -20.23 15.02
N HIS D 347 -7.21 -19.05 14.78
CA HIS D 347 -7.35 -18.50 13.44
C HIS D 347 -7.44 -16.99 13.54
N HIS D 348 -7.22 -16.31 12.41
CA HIS D 348 -7.47 -14.88 12.33
C HIS D 348 -8.96 -14.57 12.42
N GLU D 349 -9.26 -13.27 12.55
CA GLU D 349 -10.64 -12.79 12.55
C GLU D 349 -11.40 -13.25 11.31
N TRP D 350 -12.65 -13.63 11.53
CA TRP D 350 -13.48 -14.12 10.43
C TRP D 350 -13.71 -13.09 9.34
N GLY D 351 -13.43 -13.47 8.10
CA GLY D 351 -13.58 -12.61 6.95
C GLY D 351 -12.52 -11.56 6.72
N LYS D 352 -11.53 -11.43 7.59
CA LYS D 352 -10.45 -10.47 7.35
C LYS D 352 -9.25 -11.23 6.83
N HIS D 353 -8.94 -11.06 5.54
CA HIS D 353 -7.83 -11.80 4.97
C HIS D 353 -7.25 -11.03 3.80
N TYR D 354 -6.03 -11.41 3.44
CA TYR D 354 -5.40 -11.01 2.18
C TYR D 354 -5.30 -12.14 1.17
N CYS D 355 -5.77 -13.33 1.48
CA CYS D 355 -5.54 -14.45 0.58
C CYS D 355 -6.44 -14.30 -0.65
N ASN D 356 -6.00 -14.90 -1.75
CA ASN D 356 -6.82 -15.09 -2.94
C ASN D 356 -7.13 -16.57 -3.17
N HIS D 357 -8.12 -16.81 -4.03
CA HIS D 357 -8.57 -18.16 -4.35
C HIS D 357 -7.54 -19.01 -5.07
N ASN D 358 -6.33 -18.51 -5.35
CA ASN D 358 -5.29 -19.45 -5.76
C ASN D 358 -4.72 -20.20 -4.57
N GLU D 359 -4.87 -19.67 -3.36
CA GLU D 359 -4.38 -20.30 -2.14
C GLU D 359 -5.60 -20.97 -1.50
N ASP D 360 -5.77 -22.26 -1.73
CA ASP D 360 -6.84 -23.01 -1.07
C ASP D 360 -6.26 -24.24 -0.39
N ALA D 361 -6.54 -24.37 0.91
CA ALA D 361 -6.11 -25.56 1.64
C ALA D 361 -6.81 -26.81 1.12
N GLY D 362 -6.06 -27.91 1.14
CA GLY D 362 -6.60 -29.20 0.77
C GLY D 362 -5.96 -30.26 1.64
N VAL D 363 -6.57 -31.45 1.65
CA VAL D 363 -6.02 -32.55 2.44
C VAL D 363 -6.09 -33.82 1.61
N THR D 364 -5.18 -34.74 1.91
CA THR D 364 -5.26 -36.14 1.50
C THR D 364 -5.07 -37.03 2.70
N CYS D 365 -6.08 -37.83 3.04
CA CYS D 365 -6.02 -38.67 4.22
C CYS D 365 -5.79 -40.11 3.75
N SER D 366 -4.76 -40.75 4.30
CA SER D 366 -4.35 -42.09 3.87
C SER D 366 -3.89 -42.92 5.05
N ASP D 367 -4.04 -44.23 4.94
CA ASP D 367 -3.50 -45.16 5.91
C ASP D 367 -2.07 -45.60 5.61
N GLY D 368 -1.47 -45.11 4.53
CA GLY D 368 -0.14 -45.49 4.13
C GLY D 368 -0.01 -46.71 3.24
N SER D 369 -1.09 -47.46 3.06
CA SER D 369 -1.01 -48.70 2.28
C SER D 369 -1.01 -48.45 0.79
N ASP D 370 -1.39 -47.25 0.36
CA ASP D 370 -1.51 -46.89 -1.05
C ASP D 370 -0.43 -45.96 -1.56
N LEU D 371 0.23 -45.21 -0.68
CA LEU D 371 1.35 -44.37 -1.10
C LEU D 371 2.45 -45.23 -1.70
N GLU D 372 2.74 -45.03 -2.98
CA GLU D 372 3.87 -45.65 -3.66
C GLU D 372 4.86 -44.62 -4.17
N LEU D 373 6.13 -45.02 -4.16
CA LEU D 373 7.26 -44.23 -4.64
C LEU D 373 8.09 -45.07 -5.59
N ARG D 374 8.46 -44.52 -6.74
CA ARG D 374 9.31 -45.23 -7.67
C ARG D 374 10.13 -44.25 -8.48
N LEU D 375 11.26 -44.74 -8.97
CA LEU D 375 12.07 -44.04 -9.96
C LEU D 375 11.73 -44.63 -11.31
N ARG D 376 11.48 -43.78 -12.30
CA ARG D 376 11.21 -44.26 -13.65
C ARG D 376 12.14 -43.61 -14.67
N GLY D 377 12.52 -44.38 -15.68
CA GLY D 377 13.20 -43.83 -16.84
C GLY D 377 14.70 -43.67 -16.74
N GLY D 378 15.34 -44.19 -15.70
CA GLY D 378 16.79 -44.14 -15.57
C GLY D 378 17.42 -45.48 -15.86
N GLY D 379 16.71 -46.34 -16.59
CA GLY D 379 17.24 -47.64 -16.95
C GLY D 379 17.14 -48.69 -15.87
N SER D 380 16.93 -48.28 -14.62
CA SER D 380 16.64 -49.20 -13.53
C SER D 380 15.60 -48.55 -12.64
N ARG D 381 15.07 -49.33 -11.70
CA ARG D 381 14.14 -48.80 -10.71
C ARG D 381 14.78 -47.80 -9.75
N CYS D 382 16.10 -47.65 -9.78
CA CYS D 382 16.80 -46.79 -8.84
C CYS D 382 17.45 -45.57 -9.49
N ALA D 383 17.12 -45.28 -10.74
CA ALA D 383 17.52 -44.03 -11.36
C ALA D 383 16.39 -43.57 -12.28
N GLY D 384 16.19 -42.27 -12.35
CA GLY D 384 15.21 -41.73 -13.24
C GLY D 384 14.53 -40.54 -12.59
N THR D 385 13.45 -40.11 -13.24
CA THR D 385 12.56 -39.13 -12.66
C THR D 385 11.84 -39.79 -11.49
N VAL D 386 11.70 -39.04 -10.39
CA VAL D 386 10.98 -39.52 -9.22
C VAL D 386 9.49 -39.41 -9.48
N GLU D 387 8.84 -40.55 -9.63
CA GLU D 387 7.39 -40.65 -9.79
C GLU D 387 6.78 -41.13 -8.48
N VAL D 388 5.64 -40.55 -8.13
CA VAL D 388 4.89 -40.92 -6.94
C VAL D 388 3.49 -41.31 -7.40
N GLU D 389 2.90 -42.27 -6.69
CA GLU D 389 1.52 -42.64 -6.90
C GLU D 389 0.80 -42.53 -5.57
N ILE D 390 -0.18 -41.63 -5.50
CA ILE D 390 -0.91 -41.38 -4.28
C ILE D 390 -2.38 -41.52 -4.61
N GLN D 391 -3.06 -42.43 -3.91
CA GLN D 391 -4.46 -42.74 -4.20
C GLN D 391 -4.68 -43.09 -5.67
N ARG D 392 -3.72 -43.82 -6.26
CA ARG D 392 -3.70 -44.18 -7.68
C ARG D 392 -3.57 -42.97 -8.61
N LEU D 393 -3.19 -41.81 -8.11
CA LEU D 393 -2.88 -40.65 -8.94
C LEU D 393 -1.37 -40.49 -9.06
N LEU D 394 -0.87 -40.55 -10.30
CA LEU D 394 0.55 -40.32 -10.59
C LEU D 394 0.93 -38.85 -10.57
N GLY D 395 2.08 -38.54 -9.98
CA GLY D 395 2.67 -37.22 -10.11
C GLY D 395 4.18 -37.25 -9.94
N LYS D 396 4.78 -36.05 -9.99
CA LYS D 396 6.22 -35.89 -9.92
C LYS D 396 6.59 -34.90 -8.82
N VAL D 397 7.80 -35.05 -8.27
CA VAL D 397 8.34 -34.12 -7.30
C VAL D 397 8.95 -32.91 -8.00
N CYS D 398 8.57 -31.72 -7.55
CA CYS D 398 9.18 -30.48 -8.05
C CYS D 398 10.57 -30.30 -7.43
N ASP D 399 11.49 -29.76 -8.22
CA ASP D 399 12.87 -29.55 -7.81
C ASP D 399 13.08 -28.36 -6.87
N ARG D 400 12.07 -27.52 -6.67
CA ARG D 400 12.13 -26.45 -5.68
C ARG D 400 12.29 -27.00 -4.27
N GLY D 401 13.43 -26.75 -3.63
CA GLY D 401 13.71 -27.34 -2.35
C GLY D 401 14.26 -28.75 -2.39
N TRP D 402 14.53 -29.27 -3.58
CA TRP D 402 15.04 -30.62 -3.77
C TRP D 402 16.56 -30.64 -3.60
N GLY D 403 17.03 -31.29 -2.54
CA GLY D 403 18.46 -31.42 -2.33
C GLY D 403 18.94 -32.85 -2.23
N LEU D 404 20.20 -33.04 -1.87
CA LEU D 404 20.73 -34.38 -1.66
C LEU D 404 20.08 -35.09 -0.47
N LYS D 405 19.58 -34.36 0.51
CA LYS D 405 18.93 -34.98 1.65
C LYS D 405 17.63 -35.67 1.24
N GLU D 406 16.80 -34.96 0.48
CA GLU D 406 15.57 -35.53 -0.04
C GLU D 406 15.86 -36.70 -0.98
N ALA D 407 16.85 -36.53 -1.85
CA ALA D 407 17.23 -37.62 -2.75
C ALA D 407 17.69 -38.83 -1.96
N ASP D 408 18.40 -38.61 -0.86
CA ASP D 408 18.86 -39.73 -0.05
C ASP D 408 17.70 -40.43 0.62
N VAL D 409 16.69 -39.67 1.04
CA VAL D 409 15.46 -40.27 1.56
C VAL D 409 14.79 -41.16 0.51
N VAL D 410 14.67 -40.67 -0.72
CA VAL D 410 14.07 -41.48 -1.79
C VAL D 410 14.90 -42.73 -2.06
N CYS D 411 16.22 -42.58 -2.18
CA CYS D 411 17.11 -43.72 -2.40
C CYS D 411 16.99 -44.74 -1.28
N ARG D 412 16.84 -44.27 -0.05
CA ARG D 412 16.69 -45.15 1.10
C ARG D 412 15.38 -45.92 1.03
N GLN D 413 14.29 -45.25 0.67
CA GLN D 413 13.01 -45.95 0.55
C GLN D 413 13.09 -47.12 -0.42
N LEU D 414 13.83 -46.98 -1.52
CA LEU D 414 13.97 -48.09 -2.45
C LEU D 414 15.05 -49.08 -2.04
N GLY D 415 15.72 -48.86 -0.92
CA GLY D 415 16.83 -49.71 -0.49
C GLY D 415 18.04 -49.77 -1.40
N CYS D 416 18.39 -48.66 -2.05
CA CYS D 416 19.52 -48.58 -2.98
C CYS D 416 20.73 -47.86 -2.39
N GLY D 417 20.75 -47.63 -1.08
CA GLY D 417 21.84 -46.89 -0.49
C GLY D 417 21.69 -45.39 -0.62
N SER D 418 22.75 -44.67 -0.98
CA SER D 418 22.66 -43.23 -1.06
C SER D 418 22.54 -42.72 -2.50
N ALA D 419 21.95 -41.53 -2.60
CA ALA D 419 21.88 -40.81 -3.86
C ALA D 419 23.26 -40.31 -4.25
N LEU D 420 23.71 -40.66 -5.45
CA LEU D 420 25.00 -40.20 -5.94
C LEU D 420 24.92 -38.99 -6.86
N LYS D 421 23.91 -38.88 -7.71
CA LYS D 421 23.88 -37.77 -8.65
C LYS D 421 22.45 -37.37 -8.96
N THR D 422 22.21 -36.07 -9.04
CA THR D 422 21.04 -35.54 -9.71
C THR D 422 21.46 -35.11 -11.11
N SER D 423 21.68 -36.12 -11.94
CA SER D 423 22.16 -35.98 -13.31
C SER D 423 21.09 -36.41 -14.30
N TYR D 424 21.37 -36.22 -15.57
CA TYR D 424 20.42 -36.50 -16.64
C TYR D 424 20.89 -37.70 -17.45
N GLN D 425 19.99 -38.66 -17.62
CA GLN D 425 20.23 -39.84 -18.44
C GLN D 425 19.01 -40.08 -19.31
N VAL D 426 19.21 -40.72 -20.45
CA VAL D 426 18.16 -40.89 -21.45
C VAL D 426 17.74 -42.35 -21.44
N TYR D 427 16.51 -42.60 -21.00
CA TYR D 427 15.90 -43.92 -21.05
C TYR D 427 14.39 -43.74 -21.04
N SER D 428 13.70 -44.47 -21.92
CA SER D 428 12.25 -44.39 -22.08
C SER D 428 11.78 -42.95 -22.32
N LYS D 429 10.51 -42.68 -22.02
CA LYS D 429 9.92 -41.39 -22.35
C LYS D 429 9.28 -40.68 -21.17
N ILE D 430 8.68 -41.43 -20.23
CA ILE D 430 7.96 -40.95 -19.05
C ILE D 430 7.17 -39.67 -19.31
N GLN D 431 5.86 -39.82 -19.52
CA GLN D 431 5.01 -38.69 -19.87
C GLN D 431 4.92 -37.68 -18.73
N ALA D 432 4.57 -36.45 -19.09
CA ALA D 432 4.41 -35.37 -18.13
C ALA D 432 2.98 -35.30 -17.61
N THR D 433 2.82 -34.67 -16.46
CA THR D 433 1.52 -34.60 -15.79
C THR D 433 1.33 -33.19 -15.24
N ASN D 434 0.32 -33.06 -14.37
CA ASN D 434 -0.11 -31.77 -13.84
C ASN D 434 -0.07 -31.70 -12.32
N THR D 435 0.26 -32.78 -11.64
CA THR D 435 0.23 -32.87 -10.18
C THR D 435 1.65 -33.02 -9.65
N TRP D 436 2.01 -32.16 -8.71
CA TRP D 436 3.37 -32.08 -8.17
C TRP D 436 3.37 -32.22 -6.67
N LEU D 437 4.40 -32.92 -6.18
CA LEU D 437 4.74 -33.00 -4.77
C LEU D 437 5.87 -32.05 -4.46
N PHE D 438 5.64 -31.18 -3.47
CA PHE D 438 6.65 -30.26 -2.96
C PHE D 438 7.15 -30.70 -1.59
N LEU D 439 8.48 -30.76 -1.44
CA LEU D 439 9.12 -31.08 -0.17
C LEU D 439 9.74 -29.80 0.38
N SER D 440 9.40 -29.43 1.61
CA SER D 440 9.98 -28.20 2.15
C SER D 440 11.38 -28.43 2.72
N SER D 441 11.59 -29.56 3.40
CA SER D 441 12.90 -30.07 3.79
C SER D 441 12.76 -31.36 4.60
N CYS D 442 13.67 -32.30 4.41
CA CYS D 442 13.86 -33.43 5.30
C CYS D 442 15.15 -33.25 6.09
N ASN D 443 15.18 -33.85 7.29
CA ASN D 443 16.43 -33.93 8.04
C ASN D 443 17.39 -34.93 7.42
N GLY D 444 16.87 -35.95 6.73
CA GLY D 444 17.67 -37.00 6.14
C GLY D 444 17.73 -38.27 6.95
N ASN D 445 17.26 -38.26 8.20
CA ASN D 445 17.26 -39.43 9.04
C ASN D 445 15.90 -40.13 9.05
N GLU D 446 14.94 -39.61 8.30
CA GLU D 446 13.62 -40.19 8.23
C GLU D 446 13.68 -41.58 7.61
N THR D 447 12.75 -42.44 8.03
CA THR D 447 12.69 -43.78 7.45
C THR D 447 11.89 -43.76 6.14
N SER D 448 10.98 -42.81 6.00
CA SER D 448 10.15 -42.70 4.81
C SER D 448 10.02 -41.22 4.44
N LEU D 449 9.90 -40.97 3.14
CA LEU D 449 9.59 -39.63 2.66
C LEU D 449 8.32 -39.08 3.30
N TRP D 450 7.37 -39.97 3.63
CA TRP D 450 6.12 -39.55 4.25
C TRP D 450 6.31 -39.06 5.68
N ASP D 451 7.42 -39.40 6.32
CA ASP D 451 7.71 -38.92 7.66
C ASP D 451 8.29 -37.52 7.70
N CYS D 452 8.70 -36.97 6.57
CA CYS D 452 9.14 -35.58 6.56
C CYS D 452 7.94 -34.68 6.83
N LYS D 453 8.17 -33.61 7.58
CA LYS D 453 7.05 -32.77 7.99
C LYS D 453 6.63 -31.81 6.88
N ASN D 454 5.33 -31.50 6.86
CA ASN D 454 4.75 -30.39 6.10
C ASN D 454 5.00 -30.52 4.60
N TRP D 455 5.10 -31.75 4.10
CA TRP D 455 5.18 -31.95 2.66
C TRP D 455 3.84 -31.63 2.01
N GLN D 456 3.89 -30.97 0.86
CA GLN D 456 2.69 -30.54 0.15
C GLN D 456 2.45 -31.38 -1.10
N TRP D 457 1.24 -31.91 -1.20
CA TRP D 457 0.77 -32.69 -2.33
C TRP D 457 -0.20 -31.83 -3.13
N GLY D 458 0.22 -31.44 -4.34
CA GLY D 458 -0.57 -30.57 -5.19
C GLY D 458 -0.76 -29.20 -4.55
N GLY D 459 -1.67 -28.44 -5.15
CA GLY D 459 -1.93 -27.09 -4.71
C GLY D 459 -0.98 -26.00 -5.17
N LEU D 460 0.12 -26.34 -5.84
CA LEU D 460 1.02 -25.32 -6.34
C LEU D 460 1.59 -25.75 -7.68
N THR D 461 1.85 -24.76 -8.54
CA THR D 461 2.39 -24.99 -9.86
C THR D 461 3.80 -24.42 -9.94
N CYS D 462 4.74 -25.26 -10.38
CA CYS D 462 6.12 -24.84 -10.52
C CYS D 462 6.35 -24.22 -11.90
N ASP D 463 7.51 -23.59 -12.05
CA ASP D 463 7.93 -23.03 -13.33
C ASP D 463 8.57 -24.11 -14.19
N HIS D 464 9.26 -23.70 -15.26
CA HIS D 464 9.86 -24.66 -16.19
C HIS D 464 10.73 -25.68 -15.47
N TYR D 465 11.42 -25.27 -14.41
CA TYR D 465 12.25 -26.19 -13.65
C TYR D 465 11.38 -27.17 -12.88
N GLU D 466 11.53 -28.46 -13.19
CA GLU D 466 10.68 -29.49 -12.59
C GLU D 466 11.35 -30.84 -12.81
N GLU D 467 10.67 -31.90 -12.39
CA GLU D 467 11.04 -33.29 -12.69
C GLU D 467 12.45 -33.59 -12.17
N ALA D 468 12.57 -33.55 -10.84
CA ALA D 468 13.83 -33.93 -10.21
C ALA D 468 14.13 -35.40 -10.45
N LYS D 469 15.37 -35.68 -10.84
CA LYS D 469 15.79 -37.04 -11.18
C LYS D 469 17.00 -37.42 -10.36
N ILE D 470 17.15 -38.71 -10.09
CA ILE D 470 18.25 -39.21 -9.26
C ILE D 470 18.85 -40.43 -9.93
N THR D 471 20.17 -40.57 -9.83
CA THR D 471 20.86 -41.84 -10.01
C THR D 471 21.63 -42.24 -8.76
N CYS D 472 21.22 -43.36 -8.16
CA CYS D 472 21.88 -43.98 -7.01
C CYS D 472 22.93 -44.99 -7.49
N SER D 473 23.80 -45.37 -6.56
CA SER D 473 24.87 -46.31 -6.87
C SER D 473 24.33 -47.66 -7.32
N ALA D 474 23.62 -48.35 -6.43
CA ALA D 474 23.17 -49.71 -6.71
C ALA D 474 22.18 -49.76 -7.87
#